data_4WXR
#
_entry.id   4WXR
#
_cell.length_a   124.074
_cell.length_b   112.776
_cell.length_c   99.592
_cell.angle_alpha   90.00
_cell.angle_beta   126.52
_cell.angle_gamma   90.00
#
_symmetry.space_group_name_H-M   'C 1 2 1'
#
loop_
_entity.id
_entity.type
_entity.pdbx_description
1 polymer NS3
2 non-polymer '{6-(3,5-diaminophenyl)-1-[4-(propan-2-yl)benzyl]-1H-indol-3-yl}acetic acid'
3 water water
#
_entity_poly.entity_id   1
_entity_poly.type   'polypeptide(L)'
_entity_poly.pdbx_seq_one_letter_code
;RSPVFTDNSSPPAVPQSFQVAHLHAPTGSGKSTKVPAAYAAQGYKVLVLNPSVAATLGFGAYMSKAHGVDPNIRTGVRTI
TTGSPITYSTYGKFLADGGCSGGAYDIIICDECHSTDATSILGIGTVLDQAETAGARLVVLATATPPGSVTVSHPNIEEV
ALSTTGEIPFYGKAIPLEVIKGGRHLIFCHSKKKCDELAAKLVALGINAVAYYRGLDVSVIPTSGDVVVVSTDALMTGFT
GDFDSVIDCNTCVTQTVDFSLDPTFTIETTTLPQDAVSRTQRRGRTGRGKPGIYRFVAPGERPSGMFDSSVLCECYDAGC
AWYELTPAETTVRLRAYMNTPGLPVCQDHLEFWEGVFTGLTHIDAHFLSQTKQSGENFPYLVAYQATVCARAQAPPPSWD
QMWKCLIRLKPTLHGPTPLLYRLGAVQNEVTLTHPITKYIMTCMSADLEVV
;
_entity_poly.pdbx_strand_id   A,B
#
# COMPACT_ATOMS: atom_id res chain seq x y z
N PRO A 11 -28.20 -12.17 -11.56
CA PRO A 11 -28.66 -12.46 -10.19
C PRO A 11 -28.19 -13.84 -9.75
N PRO A 12 -27.11 -13.91 -8.94
CA PRO A 12 -26.50 -15.19 -8.55
C PRO A 12 -27.55 -16.06 -7.87
N ALA A 13 -27.79 -17.25 -8.41
CA ALA A 13 -28.91 -18.09 -7.97
C ALA A 13 -28.66 -18.56 -6.55
N VAL A 14 -29.73 -18.80 -5.81
CA VAL A 14 -29.54 -19.35 -4.46
C VAL A 14 -29.11 -20.82 -4.60
N PRO A 15 -27.97 -21.19 -3.99
CA PRO A 15 -27.35 -22.48 -4.16
C PRO A 15 -27.94 -23.52 -3.20
N GLN A 16 -27.55 -24.77 -3.36
CA GLN A 16 -28.04 -25.83 -2.51
C GLN A 16 -27.27 -25.87 -1.17
N SER A 17 -25.96 -25.64 -1.25
CA SER A 17 -25.10 -25.47 -0.08
C SER A 17 -24.69 -24.00 0.09
N PHE A 18 -24.28 -23.66 1.30
CA PHE A 18 -23.79 -22.33 1.62
C PHE A 18 -22.69 -21.82 0.64
N GLN A 19 -22.97 -20.71 -0.02
CA GLN A 19 -21.95 -20.06 -0.82
C GLN A 19 -21.76 -18.60 -0.38
N VAL A 20 -20.49 -18.16 -0.46
CA VAL A 20 -20.11 -16.74 -0.49
C VAL A 20 -19.91 -16.29 -1.94
N ALA A 21 -20.62 -15.24 -2.36
CA ALA A 21 -20.59 -14.78 -3.73
C ALA A 21 -20.16 -13.32 -3.79
N HIS A 22 -19.52 -12.97 -4.92
CA HIS A 22 -19.07 -11.61 -5.17
C HIS A 22 -19.90 -11.03 -6.30
N LEU A 23 -20.16 -9.73 -6.21
CA LEU A 23 -21.07 -9.08 -7.12
C LEU A 23 -20.58 -7.68 -7.42
N HIS A 24 -19.96 -7.53 -8.59
CA HIS A 24 -19.33 -6.28 -9.01
C HIS A 24 -20.10 -5.64 -10.12
N ALA A 25 -20.75 -4.54 -9.79
CA ALA A 25 -21.66 -3.86 -10.69
C ALA A 25 -21.80 -2.42 -10.21
N PRO A 26 -22.10 -1.48 -11.13
CA PRO A 26 -22.06 -0.06 -10.78
C PRO A 26 -22.89 0.33 -9.56
N THR A 27 -22.37 1.30 -8.82
CA THR A 27 -23.04 1.86 -7.66
C THR A 27 -24.41 2.44 -8.05
N GLY A 28 -25.46 1.84 -7.48
CA GLY A 28 -26.83 2.30 -7.66
C GLY A 28 -27.66 1.36 -8.52
N SER A 29 -27.00 0.57 -9.37
CA SER A 29 -27.71 -0.24 -10.34
C SER A 29 -27.92 -1.67 -9.87
N GLY A 30 -29.10 -1.90 -9.31
CA GLY A 30 -29.61 -3.24 -9.10
C GLY A 30 -29.41 -3.73 -7.70
N LYS A 31 -28.22 -3.47 -7.16
CA LYS A 31 -27.64 -4.35 -6.14
C LYS A 31 -28.11 -4.25 -4.70
N SER A 32 -28.55 -3.05 -4.30
CA SER A 32 -29.21 -2.90 -3.01
C SER A 32 -30.73 -2.82 -3.18
N THR A 33 -31.19 -2.86 -4.44
CA THR A 33 -32.58 -2.62 -4.76
C THR A 33 -33.26 -3.74 -5.54
N LYS A 34 -32.94 -3.86 -6.83
CA LYS A 34 -33.55 -4.85 -7.70
C LYS A 34 -33.18 -6.25 -7.23
N VAL A 35 -31.94 -6.39 -6.76
CA VAL A 35 -31.44 -7.70 -6.40
C VAL A 35 -32.28 -8.32 -5.28
N PRO A 36 -32.33 -7.68 -4.07
CA PRO A 36 -33.11 -8.23 -2.97
C PRO A 36 -34.53 -8.51 -3.38
N ALA A 37 -35.12 -7.64 -4.20
CA ALA A 37 -36.53 -7.78 -4.61
C ALA A 37 -36.76 -9.04 -5.43
N ALA A 38 -35.78 -9.40 -6.26
CA ALA A 38 -35.88 -10.61 -7.04
C ALA A 38 -35.78 -11.84 -6.13
N TYR A 39 -34.89 -11.80 -5.13
CA TYR A 39 -34.79 -12.89 -4.15
C TYR A 39 -36.09 -13.05 -3.34
N ALA A 40 -36.67 -11.92 -2.95
CA ALA A 40 -37.91 -11.92 -2.19
C ALA A 40 -39.06 -12.42 -3.05
N ALA A 41 -39.07 -12.01 -4.32
CA ALA A 41 -40.10 -12.44 -5.25
C ALA A 41 -40.09 -13.97 -5.38
N GLN A 42 -38.93 -14.59 -5.15
CA GLN A 42 -38.82 -16.06 -5.16
C GLN A 42 -39.13 -16.68 -3.81
N GLY A 43 -39.40 -15.84 -2.83
CA GLY A 43 -39.82 -16.36 -1.53
C GLY A 43 -38.73 -16.47 -0.49
N TYR A 44 -37.57 -15.85 -0.73
CA TYR A 44 -36.49 -15.88 0.28
C TYR A 44 -36.52 -14.68 1.22
N LYS A 45 -36.04 -14.89 2.45
CA LYS A 45 -35.80 -13.78 3.39
C LYS A 45 -34.41 -13.18 3.15
N VAL A 46 -34.35 -11.86 3.01
CA VAL A 46 -33.13 -11.16 2.57
C VAL A 46 -32.78 -9.96 3.43
N LEU A 47 -31.51 -9.88 3.81
CA LEU A 47 -30.98 -8.75 4.57
C LEU A 47 -29.92 -8.02 3.73
N VAL A 48 -30.02 -6.70 3.71
CA VAL A 48 -29.09 -5.88 2.93
C VAL A 48 -28.37 -4.90 3.82
N LEU A 49 -27.06 -5.09 3.93
CA LEU A 49 -26.23 -4.32 4.82
C LEU A 49 -25.45 -3.22 4.06
N ASN A 50 -25.40 -2.03 4.68
CA ASN A 50 -24.79 -0.80 4.17
C ASN A 50 -24.07 -0.08 5.31
N PRO A 51 -22.96 0.59 4.99
CA PRO A 51 -22.25 1.31 6.03
C PRO A 51 -23.03 2.53 6.54
N SER A 52 -23.79 3.18 5.67
CA SER A 52 -24.34 4.48 6.02
C SER A 52 -25.83 4.41 6.29
N VAL A 53 -26.24 5.23 7.26
CA VAL A 53 -27.61 5.39 7.75
C VAL A 53 -28.50 5.94 6.67
N ALA A 54 -28.09 7.09 6.10
CA ALA A 54 -28.74 7.73 4.96
C ALA A 54 -28.96 6.78 3.79
N ALA A 55 -28.03 5.88 3.57
CA ALA A 55 -28.12 4.99 2.43
C ALA A 55 -29.18 3.93 2.70
N THR A 56 -29.14 3.37 3.91
CA THR A 56 -30.11 2.39 4.38
C THR A 56 -31.55 2.90 4.41
N LEU A 57 -31.75 4.10 4.93
CA LEU A 57 -33.03 4.81 4.80
C LEU A 57 -33.35 5.17 3.34
N GLY A 58 -32.32 5.46 2.54
CA GLY A 58 -32.53 5.86 1.14
C GLY A 58 -33.13 4.71 0.31
N PHE A 59 -32.51 3.53 0.42
CA PHE A 59 -33.06 2.29 -0.13
C PHE A 59 -34.42 1.85 0.50
N GLY A 60 -34.63 2.11 1.81
CA GLY A 60 -35.92 1.88 2.46
C GLY A 60 -37.03 2.67 1.80
N ALA A 61 -36.96 4.01 1.87
CA ALA A 61 -37.90 4.91 1.21
C ALA A 61 -38.18 4.57 -0.27
N TYR A 62 -37.12 4.31 -1.03
CA TYR A 62 -37.22 3.99 -2.46
C TYR A 62 -37.93 2.66 -2.75
N MET A 63 -37.88 1.72 -1.82
CA MET A 63 -38.50 0.41 -2.04
C MET A 63 -39.87 0.38 -1.40
N SER A 64 -40.17 1.41 -0.62
CA SER A 64 -41.45 1.53 0.04
C SER A 64 -42.54 2.00 -0.94
N LYS A 65 -42.20 2.00 -2.23
CA LYS A 65 -43.12 2.35 -3.32
C LYS A 65 -42.84 1.50 -4.55
N ASP A 70 -43.18 -3.23 1.65
CA ASP A 70 -42.48 -2.22 2.46
C ASP A 70 -41.47 -2.87 3.42
N PRO A 71 -40.18 -2.56 3.25
CA PRO A 71 -39.15 -3.31 4.00
C PRO A 71 -38.96 -2.92 5.49
N ASN A 72 -38.43 -3.83 6.29
CA ASN A 72 -37.93 -3.48 7.62
C ASN A 72 -36.67 -2.59 7.49
N ILE A 73 -36.53 -1.69 8.43
CA ILE A 73 -35.47 -0.72 8.36
C ILE A 73 -34.85 -0.78 9.74
N ARG A 74 -33.54 -0.98 9.80
CA ARG A 74 -32.86 -1.10 11.11
C ARG A 74 -31.60 -0.26 11.24
N THR A 75 -31.77 0.98 11.69
CA THR A 75 -30.65 1.85 11.96
C THR A 75 -30.65 2.18 13.43
N GLY A 76 -29.49 2.60 13.91
CA GLY A 76 -29.33 3.15 15.27
C GLY A 76 -30.39 4.14 15.65
N VAL A 77 -30.69 5.12 14.79
CA VAL A 77 -31.69 6.14 15.09
C VAL A 77 -33.16 5.77 14.83
N ARG A 78 -33.42 4.98 13.79
CA ARG A 78 -34.79 4.62 13.43
C ARG A 78 -34.91 3.15 13.14
N THR A 79 -35.95 2.55 13.71
CA THR A 79 -36.22 1.15 13.50
C THR A 79 -37.70 1.00 13.23
N ILE A 80 -37.99 0.45 12.06
CA ILE A 80 -39.34 0.13 11.62
C ILE A 80 -39.40 -1.39 11.38
N THR A 81 -40.30 -2.08 12.06
CA THR A 81 -40.55 -3.49 11.73
C THR A 81 -41.89 -3.63 10.99
N THR A 82 -41.87 -4.21 9.79
CA THR A 82 -43.02 -4.19 8.94
C THR A 82 -43.52 -5.56 8.58
N GLY A 83 -42.86 -6.63 9.04
CA GLY A 83 -43.22 -7.99 8.59
C GLY A 83 -42.74 -8.38 7.18
N SER A 84 -42.11 -7.45 6.46
CA SER A 84 -41.55 -7.76 5.12
C SER A 84 -40.43 -8.82 5.16
N PRO A 85 -40.23 -9.54 4.04
CA PRO A 85 -39.07 -10.43 3.90
C PRO A 85 -37.72 -9.73 3.61
N ILE A 86 -37.75 -8.41 3.46
CA ILE A 86 -36.58 -7.58 3.15
C ILE A 86 -36.29 -6.69 4.34
N THR A 87 -35.04 -6.75 4.78
CA THR A 87 -34.55 -5.84 5.77
C THR A 87 -33.32 -5.07 5.22
N TYR A 88 -33.34 -3.75 5.41
CA TYR A 88 -32.21 -2.86 5.23
C TYR A 88 -31.74 -2.45 6.61
N SER A 89 -30.48 -2.83 6.89
CA SER A 89 -29.77 -2.42 8.05
C SER A 89 -28.43 -1.77 7.67
N THR A 90 -27.94 -0.91 8.55
CA THR A 90 -26.54 -0.57 8.57
C THR A 90 -25.79 -1.72 9.26
N TYR A 91 -24.47 -1.80 9.01
CA TYR A 91 -23.58 -2.73 9.62
C TYR A 91 -23.51 -2.56 11.13
N GLY A 92 -23.52 -1.30 11.61
CA GLY A 92 -23.51 -1.00 13.03
C GLY A 92 -24.73 -1.54 13.78
N LYS A 93 -25.93 -1.38 13.18
CA LYS A 93 -27.15 -1.79 13.88
C LYS A 93 -27.18 -3.31 13.90
N PHE A 94 -26.74 -3.87 12.77
CA PHE A 94 -26.59 -5.31 12.63
C PHE A 94 -25.70 -5.86 13.78
N LEU A 95 -24.55 -5.24 13.98
CA LEU A 95 -23.67 -5.54 15.12
C LEU A 95 -24.39 -5.37 16.49
N ALA A 96 -25.00 -4.21 16.70
CA ALA A 96 -25.88 -3.94 17.87
C ALA A 96 -26.98 -4.96 18.10
N ASP A 97 -27.54 -5.53 17.04
CA ASP A 97 -28.64 -6.50 17.15
C ASP A 97 -28.10 -7.92 17.36
N GLY A 98 -26.78 -8.05 17.55
CA GLY A 98 -26.18 -9.35 17.82
C GLY A 98 -25.85 -10.13 16.57
N GLY A 99 -25.91 -9.45 15.42
CA GLY A 99 -25.55 -10.08 14.17
C GLY A 99 -26.58 -11.09 13.70
N CYS A 100 -26.08 -12.25 13.31
CA CYS A 100 -26.89 -13.30 12.68
C CYS A 100 -27.91 -13.99 13.61
N SER A 101 -29.19 -13.75 13.32
CA SER A 101 -30.29 -14.46 13.96
C SER A 101 -30.71 -15.66 13.11
N ALA A 104 -33.17 -16.36 10.53
CA ALA A 104 -33.96 -15.16 10.23
C ALA A 104 -33.80 -14.62 8.79
N TYR A 105 -32.69 -14.96 8.13
CA TYR A 105 -32.46 -14.57 6.71
C TYR A 105 -31.86 -15.68 5.92
N ASP A 106 -32.45 -15.93 4.77
CA ASP A 106 -31.89 -16.86 3.79
C ASP A 106 -30.66 -16.33 3.08
N ILE A 107 -30.66 -15.00 2.84
CA ILE A 107 -29.67 -14.33 2.00
C ILE A 107 -29.21 -13.02 2.63
N ILE A 108 -27.90 -12.84 2.70
CA ILE A 108 -27.36 -11.62 3.27
C ILE A 108 -26.46 -10.92 2.27
N ILE A 109 -26.79 -9.68 1.92
CA ILE A 109 -26.00 -8.92 0.98
C ILE A 109 -25.16 -7.90 1.76
N CYS A 110 -23.85 -8.05 1.70
CA CYS A 110 -22.97 -7.03 2.22
C CYS A 110 -22.69 -6.00 1.14
N ASP A 111 -23.45 -4.90 1.14
CA ASP A 111 -23.27 -3.83 0.13
C ASP A 111 -22.09 -2.92 0.49
N GLU A 112 -21.41 -2.39 -0.53
CA GLU A 112 -20.23 -1.51 -0.34
C GLU A 112 -19.18 -2.22 0.50
N CYS A 113 -18.95 -3.50 0.20
CA CYS A 113 -18.10 -4.39 0.99
C CYS A 113 -16.61 -4.09 0.89
N HIS A 114 -16.24 -3.08 0.07
CA HIS A 114 -14.85 -2.56 0.03
C HIS A 114 -14.54 -1.66 1.24
N SER A 115 -15.58 -1.08 1.84
CA SER A 115 -15.49 -0.15 2.98
C SER A 115 -14.53 -0.62 4.05
N THR A 116 -13.60 0.25 4.41
CA THR A 116 -12.58 -0.03 5.41
C THR A 116 -12.76 0.75 6.71
N ASP A 117 -13.98 1.24 6.97
CA ASP A 117 -14.25 1.70 8.33
C ASP A 117 -14.38 0.46 9.22
N ALA A 118 -13.96 0.61 10.48
CA ALA A 118 -14.09 -0.44 11.48
C ALA A 118 -15.42 -1.19 11.37
N THR A 119 -16.51 -0.48 11.54
CA THR A 119 -17.81 -1.08 11.60
C THR A 119 -18.09 -2.07 10.47
N SER A 120 -17.98 -1.62 9.24
CA SER A 120 -18.12 -2.48 8.03
C SER A 120 -17.30 -3.74 8.05
N ILE A 121 -16.04 -3.58 8.46
CA ILE A 121 -15.13 -4.70 8.62
C ILE A 121 -15.64 -5.66 9.69
N LEU A 122 -15.91 -5.18 10.89
CA LEU A 122 -16.50 -6.08 11.88
C LEU A 122 -17.82 -6.67 11.36
N GLY A 123 -18.58 -5.89 10.61
CA GLY A 123 -19.86 -6.35 10.14
C GLY A 123 -19.71 -7.53 9.20
N ILE A 124 -18.90 -7.37 8.16
CA ILE A 124 -18.74 -8.41 7.13
C ILE A 124 -18.15 -9.66 7.74
N GLY A 125 -17.03 -9.51 8.42
CA GLY A 125 -16.45 -10.61 9.17
C GLY A 125 -17.47 -11.35 10.01
N THR A 126 -18.37 -10.58 10.63
CA THR A 126 -19.45 -11.16 11.41
C THR A 126 -20.39 -11.94 10.52
N VAL A 127 -20.75 -11.33 9.41
CA VAL A 127 -21.55 -12.06 8.45
C VAL A 127 -20.82 -13.28 7.94
N LEU A 128 -19.51 -13.21 7.74
CA LEU A 128 -18.78 -14.35 7.20
C LEU A 128 -18.62 -15.47 8.20
N ASP A 129 -18.31 -15.13 9.43
CA ASP A 129 -18.13 -16.13 10.45
C ASP A 129 -19.43 -16.90 10.72
N GLN A 130 -20.59 -16.21 10.67
CA GLN A 130 -21.85 -16.65 11.31
C GLN A 130 -22.94 -17.07 10.34
N ALA A 131 -22.93 -16.49 9.14
CA ALA A 131 -24.06 -16.73 8.25
C ALA A 131 -24.41 -18.23 8.14
N GLU A 132 -23.41 -19.09 7.99
CA GLU A 132 -23.74 -20.48 7.70
C GLU A 132 -24.46 -21.14 8.86
N THR A 133 -23.87 -21.04 10.06
CA THR A 133 -24.43 -21.64 11.28
C THR A 133 -25.90 -21.23 11.45
N ALA A 134 -26.16 -19.94 11.31
CA ALA A 134 -27.49 -19.38 11.47
C ALA A 134 -28.45 -19.74 10.31
N GLY A 135 -28.02 -20.59 9.38
CA GLY A 135 -28.92 -21.15 8.39
C GLY A 135 -29.07 -20.45 7.04
N ALA A 136 -28.28 -19.40 6.79
CA ALA A 136 -28.32 -18.69 5.50
C ALA A 136 -27.83 -19.59 4.37
N ARG A 137 -28.29 -19.34 3.15
CA ARG A 137 -27.77 -20.11 2.00
C ARG A 137 -26.71 -19.38 1.20
N LEU A 138 -26.79 -18.05 1.23
CA LEU A 138 -25.99 -17.20 0.37
C LEU A 138 -25.58 -15.88 1.06
N VAL A 139 -24.32 -15.50 0.88
CA VAL A 139 -23.81 -14.20 1.27
C VAL A 139 -23.28 -13.60 -0.02
N VAL A 140 -23.80 -12.45 -0.40
CA VAL A 140 -23.30 -11.75 -1.55
C VAL A 140 -22.46 -10.59 -1.05
N LEU A 141 -21.18 -10.62 -1.41
CA LEU A 141 -20.28 -9.49 -1.17
C LEU A 141 -20.38 -8.56 -2.38
N ALA A 142 -21.10 -7.44 -2.22
CA ALA A 142 -21.37 -6.52 -3.32
C ALA A 142 -20.62 -5.20 -3.20
N THR A 143 -20.17 -4.67 -4.34
CA THR A 143 -19.51 -3.38 -4.41
C THR A 143 -19.27 -3.03 -5.88
N ALA A 144 -19.04 -1.76 -6.19
CA ALA A 144 -18.75 -1.31 -7.58
C ALA A 144 -17.26 -1.04 -7.72
N THR A 145 -16.57 -1.10 -6.60
CA THR A 145 -15.15 -0.80 -6.57
C THR A 145 -14.47 -1.91 -5.74
N PRO A 146 -14.39 -3.13 -6.30
CA PRO A 146 -13.67 -4.22 -5.66
C PRO A 146 -12.17 -3.91 -5.72
N PRO A 147 -11.33 -4.67 -4.99
CA PRO A 147 -9.89 -4.41 -4.89
C PRO A 147 -9.21 -4.31 -6.26
N GLY A 148 -8.32 -3.33 -6.39
CA GLY A 148 -7.52 -3.19 -7.59
C GLY A 148 -8.19 -2.36 -8.65
N SER A 149 -9.42 -1.95 -8.40
CA SER A 149 -10.16 -1.20 -9.42
C SER A 149 -9.63 0.22 -9.52
N VAL A 150 -9.84 0.83 -10.68
CA VAL A 150 -9.40 2.22 -10.86
C VAL A 150 -10.60 3.10 -11.11
N THR A 151 -10.34 4.39 -11.23
CA THR A 151 -11.39 5.34 -11.51
C THR A 151 -11.87 5.16 -12.97
N VAL A 152 -13.18 4.96 -13.15
CA VAL A 152 -13.80 4.88 -14.49
C VAL A 152 -14.20 6.29 -14.91
N SER A 153 -14.10 6.62 -16.20
CA SER A 153 -14.39 7.99 -16.64
C SER A 153 -15.88 8.34 -16.68
N HIS A 154 -16.18 9.61 -16.40
CA HIS A 154 -17.53 10.07 -16.19
C HIS A 154 -17.99 10.92 -17.37
N PRO A 155 -19.14 10.55 -17.98
CA PRO A 155 -19.71 11.23 -19.14
C PRO A 155 -19.80 12.75 -18.96
N ASN A 156 -20.08 13.19 -17.74
CA ASN A 156 -20.28 14.61 -17.42
C ASN A 156 -19.02 15.35 -16.96
N ILE A 157 -17.89 14.66 -16.90
CA ILE A 157 -16.69 15.31 -16.39
C ILE A 157 -15.52 15.31 -17.36
N GLU A 158 -15.16 16.50 -17.83
CA GLU A 158 -13.91 16.70 -18.58
C GLU A 158 -12.72 16.75 -17.61
N GLU A 159 -11.69 15.95 -17.88
CA GLU A 159 -10.52 15.89 -17.00
C GLU A 159 -9.23 16.41 -17.65
N VAL A 160 -8.72 17.52 -17.13
CA VAL A 160 -7.56 18.19 -17.70
C VAL A 160 -6.40 18.26 -16.71
N ALA A 161 -5.26 17.71 -17.11
CA ALA A 161 -4.00 17.83 -16.37
C ALA A 161 -3.64 19.29 -16.10
N LEU A 162 -3.15 19.56 -14.88
CA LEU A 162 -2.52 20.84 -14.55
C LEU A 162 -1.10 20.80 -15.05
N SER A 163 -0.58 21.93 -15.51
CA SER A 163 0.81 22.00 -15.97
C SER A 163 1.61 23.00 -15.13
N THR A 164 2.94 22.95 -15.25
CA THR A 164 3.83 23.80 -14.45
C THR A 164 3.54 25.30 -14.60
N THR A 165 2.74 25.64 -15.61
CA THR A 165 2.40 27.00 -15.98
C THR A 165 1.06 27.40 -15.37
N GLY A 166 0.90 28.71 -15.20
CA GLY A 166 -0.11 29.26 -14.33
C GLY A 166 0.72 29.96 -13.29
N GLU A 167 0.09 30.88 -12.55
CA GLU A 167 0.83 31.74 -11.62
C GLU A 167 0.60 31.42 -10.15
N ILE A 168 -0.26 30.43 -9.88
CA ILE A 168 -0.57 29.95 -8.52
C ILE A 168 0.09 28.61 -8.23
N PRO A 169 1.07 28.58 -7.30
CA PRO A 169 1.73 27.33 -6.86
C PRO A 169 0.78 26.32 -6.22
N PHE A 170 0.75 25.10 -6.77
CA PHE A 170 -0.14 24.04 -6.31
C PHE A 170 0.51 22.65 -6.38
N TYR A 171 1.21 22.27 -5.30
CA TYR A 171 1.77 20.92 -5.15
C TYR A 171 2.74 20.55 -6.25
N GLY A 172 3.59 21.50 -6.64
CA GLY A 172 4.57 21.27 -7.69
C GLY A 172 4.10 21.83 -9.01
N LYS A 173 2.82 21.63 -9.32
CA LYS A 173 2.24 22.21 -10.53
C LYS A 173 1.80 23.66 -10.29
N ALA A 174 0.86 24.13 -11.11
CA ALA A 174 0.32 25.46 -10.96
C ALA A 174 -1.13 25.45 -11.41
N ILE A 175 -1.87 26.48 -10.99
CA ILE A 175 -3.23 26.71 -11.48
C ILE A 175 -3.25 28.09 -12.17
N PRO A 176 -3.94 28.20 -13.34
CA PRO A 176 -4.19 29.51 -13.96
C PRO A 176 -5.39 30.22 -13.35
N LEU A 177 -5.38 31.54 -13.36
CA LEU A 177 -6.46 32.34 -12.80
C LEU A 177 -7.77 32.24 -13.57
N GLU A 178 -7.69 32.21 -14.90
CA GLU A 178 -8.86 32.07 -15.78
C GLU A 178 -9.83 30.93 -15.39
N VAL A 179 -9.27 29.79 -14.96
CA VAL A 179 -10.05 28.58 -14.64
C VAL A 179 -10.89 28.71 -13.36
N ILE A 180 -10.42 29.57 -12.45
CA ILE A 180 -11.16 29.82 -11.20
C ILE A 180 -11.80 31.22 -11.07
N LYS A 181 -11.69 32.06 -12.11
CA LYS A 181 -12.57 33.21 -12.26
C LYS A 181 -13.85 32.69 -12.91
N GLY A 182 -14.98 33.29 -12.53
CA GLY A 182 -16.28 32.79 -12.97
C GLY A 182 -16.70 31.53 -12.23
N GLY A 183 -17.75 31.66 -11.42
CA GLY A 183 -18.48 30.51 -10.87
C GLY A 183 -17.91 29.85 -9.63
N ARG A 184 -18.33 28.60 -9.44
CA ARG A 184 -17.96 27.84 -8.27
C ARG A 184 -16.90 26.78 -8.58
N HIS A 185 -15.89 26.72 -7.70
CA HIS A 185 -14.82 25.75 -7.81
C HIS A 185 -14.45 25.26 -6.43
N LEU A 186 -14.13 23.98 -6.35
CA LEU A 186 -13.68 23.39 -5.11
C LEU A 186 -12.26 22.87 -5.28
N ILE A 187 -11.35 23.41 -4.47
CA ILE A 187 -9.97 22.94 -4.42
C ILE A 187 -9.74 22.07 -3.19
N PHE A 188 -9.48 20.80 -3.43
CA PHE A 188 -9.11 19.88 -2.38
C PHE A 188 -7.63 20.02 -2.05
N CYS A 189 -7.32 20.25 -0.78
CA CYS A 189 -5.94 20.22 -0.30
C CYS A 189 -5.80 19.19 0.80
N HIS A 190 -4.56 18.85 1.12
CA HIS A 190 -4.29 17.64 1.91
C HIS A 190 -4.46 17.81 3.42
N SER A 191 -4.11 18.99 3.95
CA SER A 191 -4.11 19.30 5.39
C SER A 191 -4.82 20.64 5.68
N LYS A 192 -4.67 21.13 6.90
CA LYS A 192 -5.28 22.41 7.27
C LYS A 192 -4.35 23.59 6.96
N LYS A 193 -3.09 23.48 7.38
CA LYS A 193 -2.12 24.55 7.12
C LYS A 193 -2.06 24.94 5.63
N LYS A 194 -2.31 23.94 4.75
CA LYS A 194 -2.28 24.13 3.29
C LYS A 194 -3.56 24.79 2.74
N CYS A 195 -4.71 24.57 3.38
CA CYS A 195 -5.95 25.26 2.99
C CYS A 195 -5.90 26.77 3.30
N ASP A 196 -5.45 27.12 4.50
CA ASP A 196 -5.19 28.50 4.90
C ASP A 196 -4.23 29.19 3.94
N GLU A 197 -3.05 28.60 3.77
CA GLU A 197 -2.02 29.16 2.91
C GLU A 197 -2.54 29.44 1.49
N LEU A 198 -3.36 28.54 0.95
CA LEU A 198 -3.90 28.70 -0.40
C LEU A 198 -5.08 29.69 -0.49
N ALA A 199 -6.08 29.53 0.37
CA ALA A 199 -7.18 30.49 0.41
C ALA A 199 -6.65 31.93 0.48
N ALA A 200 -5.70 32.16 1.38
CA ALA A 200 -5.11 33.48 1.61
C ALA A 200 -4.59 34.16 0.33
N LYS A 201 -3.80 33.42 -0.46
CA LYS A 201 -3.21 33.97 -1.68
C LYS A 201 -4.26 34.36 -2.72
N LEU A 202 -5.38 33.64 -2.74
CA LEU A 202 -6.45 33.92 -3.70
C LEU A 202 -7.25 35.14 -3.31
N VAL A 203 -7.40 35.35 -1.99
CA VAL A 203 -7.99 36.58 -1.45
C VAL A 203 -7.09 37.79 -1.76
N ALA A 204 -5.78 37.54 -1.81
CA ALA A 204 -4.81 38.58 -2.18
C ALA A 204 -4.67 38.76 -3.70
N LEU A 205 -5.54 38.09 -4.46
CA LEU A 205 -5.61 38.27 -5.91
C LEU A 205 -7.03 38.54 -6.40
N GLY A 206 -7.89 38.98 -5.47
CA GLY A 206 -9.27 39.36 -5.76
C GLY A 206 -10.31 38.25 -5.56
N ILE A 207 -9.93 37.05 -5.99
CA ILE A 207 -10.82 35.90 -6.01
C ILE A 207 -11.38 35.60 -4.62
N ASN A 208 -12.60 35.07 -4.61
CA ASN A 208 -13.32 34.86 -3.38
C ASN A 208 -13.03 33.47 -2.79
N ALA A 209 -11.96 33.39 -2.00
CA ALA A 209 -11.50 32.12 -1.46
C ALA A 209 -12.03 31.89 -0.04
N VAL A 210 -12.56 30.69 0.19
CA VAL A 210 -13.05 30.29 1.52
C VAL A 210 -12.51 28.90 1.91
N ALA A 211 -11.62 28.85 2.89
CA ALA A 211 -11.11 27.57 3.42
C ALA A 211 -12.14 26.83 4.30
N TYR A 212 -12.20 25.50 4.20
CA TYR A 212 -13.01 24.67 5.12
C TYR A 212 -12.27 23.41 5.58
N TYR A 213 -12.48 23.02 6.83
CA TYR A 213 -11.91 21.78 7.42
C TYR A 213 -12.53 21.48 8.79
N ARG A 214 -12.24 20.30 9.33
CA ARG A 214 -12.80 19.88 10.62
C ARG A 214 -12.58 21.00 11.61
N GLY A 215 -13.63 21.37 12.32
CA GLY A 215 -13.57 22.45 13.29
C GLY A 215 -14.00 23.79 12.71
N LEU A 216 -14.67 23.76 11.57
CA LEU A 216 -15.35 24.93 11.07
C LEU A 216 -16.85 24.69 10.98
N ASP A 217 -17.61 25.74 11.25
CA ASP A 217 -19.06 25.72 11.10
C ASP A 217 -19.42 25.83 9.61
N VAL A 218 -20.15 24.84 9.10
CA VAL A 218 -20.50 24.73 7.67
C VAL A 218 -21.13 25.99 7.09
N SER A 219 -21.52 26.92 7.96
CA SER A 219 -22.05 28.22 7.55
C SER A 219 -21.06 29.05 6.72
N VAL A 220 -19.77 28.94 7.04
CA VAL A 220 -18.73 29.82 6.46
C VAL A 220 -18.58 29.71 4.93
N ILE A 221 -19.26 28.75 4.32
CA ILE A 221 -19.26 28.63 2.88
C ILE A 221 -20.44 29.38 2.24
N PRO A 222 -20.16 30.36 1.36
CA PRO A 222 -21.25 31.07 0.68
C PRO A 222 -22.04 30.11 -0.18
N THR A 223 -23.26 30.50 -0.50
CA THR A 223 -24.23 29.55 -1.01
C THR A 223 -24.66 29.79 -2.46
N SER A 224 -24.54 31.04 -2.93
CA SER A 224 -25.11 31.42 -4.23
C SER A 224 -24.11 31.75 -5.37
N GLY A 225 -23.15 32.63 -5.09
CA GLY A 225 -22.29 33.16 -6.13
C GLY A 225 -20.91 32.56 -6.19
N ASP A 226 -19.97 33.37 -6.69
CA ASP A 226 -18.59 32.96 -6.92
C ASP A 226 -17.82 32.66 -5.64
N VAL A 227 -17.20 31.48 -5.62
CA VAL A 227 -16.29 31.10 -4.53
C VAL A 227 -15.24 30.11 -5.01
N VAL A 228 -14.09 30.13 -4.35
CA VAL A 228 -13.13 29.05 -4.42
C VAL A 228 -12.98 28.48 -3.01
N VAL A 229 -13.66 27.36 -2.77
CA VAL A 229 -13.68 26.66 -1.50
C VAL A 229 -12.45 25.76 -1.39
N VAL A 230 -11.54 26.10 -0.49
CA VAL A 230 -10.35 25.27 -0.27
C VAL A 230 -10.55 24.38 0.99
N SER A 231 -10.96 23.14 0.77
CA SER A 231 -11.20 22.23 1.88
C SER A 231 -10.45 20.91 1.80
N THR A 232 -10.54 20.17 2.89
CA THR A 232 -10.16 18.78 2.94
C THR A 232 -11.36 17.94 2.52
N ASP A 233 -11.45 16.72 3.02
CA ASP A 233 -12.62 15.85 2.82
C ASP A 233 -13.58 15.98 4.00
N ALA A 234 -13.35 16.98 4.85
CA ALA A 234 -14.20 17.21 5.99
C ALA A 234 -15.64 17.33 5.54
N THR A 240 -24.63 20.97 -0.27
CA THR A 240 -25.05 20.81 -1.65
C THR A 240 -23.97 21.24 -2.65
N GLY A 241 -23.26 22.32 -2.33
CA GLY A 241 -22.04 22.73 -3.06
C GLY A 241 -22.18 23.31 -4.46
N ASP A 242 -22.65 22.49 -5.40
CA ASP A 242 -22.75 22.83 -6.84
C ASP A 242 -21.50 23.50 -7.43
N PHE A 243 -20.56 22.70 -7.92
CA PHE A 243 -19.33 23.24 -8.47
C PHE A 243 -19.20 23.08 -9.98
N ASP A 244 -18.62 24.12 -10.59
CA ASP A 244 -18.34 24.14 -12.02
C ASP A 244 -17.03 23.40 -12.29
N SER A 245 -16.20 23.33 -11.25
CA SER A 245 -14.85 22.81 -11.34
C SER A 245 -14.46 22.17 -10.02
N VAL A 246 -13.68 21.09 -10.10
CA VAL A 246 -13.03 20.52 -8.92
C VAL A 246 -11.53 20.38 -9.16
N ILE A 247 -10.75 20.83 -8.16
CA ILE A 247 -9.28 20.83 -8.21
C ILE A 247 -8.69 20.06 -7.03
N ASP A 248 -7.93 19.01 -7.35
CA ASP A 248 -7.53 17.99 -6.40
C ASP A 248 -6.00 17.90 -6.36
N CYS A 249 -5.44 17.91 -5.16
CA CYS A 249 -4.02 17.70 -4.97
C CYS A 249 -3.66 16.20 -5.05
N ASN A 250 -4.66 15.39 -5.40
CA ASN A 250 -4.49 13.94 -5.51
C ASN A 250 -3.85 13.22 -4.31
N THR A 251 -3.73 13.87 -3.16
CA THR A 251 -3.24 13.20 -1.94
C THR A 251 -4.26 13.14 -0.75
N CYS A 252 -4.11 12.13 0.13
CA CYS A 252 -4.93 11.99 1.36
C CYS A 252 -4.08 11.78 2.58
N VAL A 253 -4.43 12.49 3.66
CA VAL A 253 -3.86 12.21 4.97
C VAL A 253 -4.54 10.91 5.42
N THR A 254 -3.72 9.94 5.81
CA THR A 254 -4.16 8.56 6.02
C THR A 254 -3.69 8.15 7.40
N GLN A 255 -4.56 7.53 8.19
CA GLN A 255 -4.19 7.11 9.55
C GLN A 255 -3.27 5.91 9.45
N THR A 256 -2.19 5.96 10.21
CA THR A 256 -1.32 4.82 10.25
C THR A 256 -0.73 4.60 11.64
N VAL A 257 -0.37 3.35 11.94
CA VAL A 257 0.35 2.98 13.17
C VAL A 257 1.86 2.82 12.96
N ASP A 258 2.64 3.30 13.93
CA ASP A 258 4.07 3.05 13.94
C ASP A 258 4.48 2.44 15.27
N PHE A 259 5.14 1.29 15.22
CA PHE A 259 5.61 0.56 16.39
C PHE A 259 6.93 1.10 16.90
N SER A 260 6.89 2.33 17.36
CA SER A 260 8.08 3.13 17.59
C SER A 260 8.81 2.84 18.93
N LEU A 261 8.23 2.01 19.80
CA LEU A 261 8.95 1.52 20.99
C LEU A 261 9.34 2.68 21.92
N ASP A 262 8.47 3.69 21.98
CA ASP A 262 8.76 4.93 22.68
C ASP A 262 7.58 5.40 23.52
N PRO A 263 7.04 4.56 24.41
CA PRO A 263 7.41 3.20 24.79
C PRO A 263 6.80 2.09 23.92
N THR A 264 5.72 2.36 23.19
CA THR A 264 5.01 1.27 22.51
C THR A 264 4.66 1.57 21.06
N PHE A 265 3.41 1.87 20.79
CA PHE A 265 3.02 2.25 19.45
C PHE A 265 2.57 3.66 19.44
N THR A 266 2.63 4.25 18.25
CA THR A 266 2.23 5.61 17.96
C THR A 266 1.12 5.52 16.91
N ILE A 267 -0.01 6.18 17.12
CA ILE A 267 -1.02 6.39 16.07
C ILE A 267 -0.73 7.75 15.46
N GLU A 268 -0.42 7.79 14.18
CA GLU A 268 0.00 9.04 13.58
C GLU A 268 -0.62 9.07 12.21
N THR A 269 -0.29 10.11 11.44
CA THR A 269 -0.69 10.15 10.04
C THR A 269 0.46 10.06 9.03
N THR A 270 0.05 9.96 7.77
CA THR A 270 0.90 9.77 6.61
C THR A 270 0.09 10.25 5.39
N THR A 271 0.74 10.91 4.46
CA THR A 271 0.05 11.45 3.30
C THR A 271 0.46 10.61 2.12
N LEU A 272 -0.46 9.78 1.64
CA LEU A 272 -0.22 8.89 0.50
C LEU A 272 -0.96 9.45 -0.70
N PRO A 273 -0.54 9.08 -1.93
CA PRO A 273 -1.37 9.42 -3.08
C PRO A 273 -2.70 8.71 -2.97
N GLN A 274 -3.77 9.35 -3.45
CA GLN A 274 -5.11 8.87 -3.19
C GLN A 274 -5.39 7.57 -3.95
N ASP A 275 -6.41 6.83 -3.50
CA ASP A 275 -6.90 5.68 -4.23
C ASP A 275 -8.10 5.96 -5.16
N ALA A 276 -8.56 4.93 -5.87
CA ALA A 276 -9.68 5.06 -6.79
C ALA A 276 -10.93 5.72 -6.16
N VAL A 277 -11.48 5.11 -5.09
CA VAL A 277 -12.73 5.62 -4.47
C VAL A 277 -12.55 7.06 -4.02
N SER A 278 -11.34 7.38 -3.57
CA SER A 278 -10.99 8.72 -3.16
C SER A 278 -11.03 9.66 -4.35
N ARG A 279 -10.39 9.28 -5.45
CA ARG A 279 -10.48 10.10 -6.66
C ARG A 279 -11.92 10.25 -7.12
N THR A 280 -12.70 9.18 -7.01
CA THR A 280 -14.12 9.20 -7.37
C THR A 280 -14.88 10.25 -6.55
N GLN A 281 -14.86 10.05 -5.22
CA GLN A 281 -15.47 10.95 -4.22
C GLN A 281 -15.25 12.44 -4.49
N ARG A 282 -14.03 12.80 -4.87
CA ARG A 282 -13.60 14.18 -5.15
C ARG A 282 -13.95 14.68 -6.55
N ARG A 283 -13.86 13.79 -7.53
CA ARG A 283 -14.25 14.16 -8.89
C ARG A 283 -15.75 14.44 -8.89
N GLY A 284 -16.48 13.64 -8.09
CA GLY A 284 -17.95 13.66 -8.05
C GLY A 284 -18.57 14.92 -7.47
N ARG A 285 -17.73 15.76 -6.85
CA ARG A 285 -18.13 17.08 -6.39
C ARG A 285 -18.41 18.06 -7.54
N THR A 286 -18.05 17.68 -8.78
CA THR A 286 -18.49 18.36 -10.01
C THR A 286 -19.28 17.46 -10.98
N GLY A 287 -20.03 18.04 -11.91
CA GLY A 287 -20.86 17.25 -12.83
C GLY A 287 -22.21 16.84 -12.23
N ARG A 288 -22.57 17.49 -11.13
CA ARG A 288 -23.84 17.32 -10.42
C ARG A 288 -25.05 17.65 -11.32
N GLY A 289 -25.29 16.81 -12.33
CA GLY A 289 -26.26 17.12 -13.39
C GLY A 289 -25.57 17.84 -14.55
N LYS A 290 -25.41 19.16 -14.44
CA LYS A 290 -24.73 19.98 -15.45
C LYS A 290 -23.27 19.57 -15.70
N PRO A 291 -22.61 20.14 -16.73
CA PRO A 291 -21.21 19.76 -16.98
C PRO A 291 -20.28 20.04 -15.80
N GLY A 292 -19.17 19.31 -15.77
CA GLY A 292 -18.18 19.45 -14.70
C GLY A 292 -16.76 19.42 -15.23
N ILE A 293 -15.84 19.99 -14.46
CA ILE A 293 -14.43 20.03 -14.82
C ILE A 293 -13.54 19.55 -13.66
N TYR A 294 -12.69 18.57 -13.98
CA TYR A 294 -11.73 18.02 -13.05
C TYR A 294 -10.29 18.24 -13.57
N ARG A 295 -9.53 18.99 -12.80
CA ARG A 295 -8.13 19.29 -13.10
C ARG A 295 -7.25 18.62 -12.03
N PHE A 296 -6.23 17.86 -12.45
CA PHE A 296 -5.39 17.12 -11.50
C PHE A 296 -3.87 17.44 -11.43
N VAL A 297 -3.33 17.31 -10.22
CA VAL A 297 -1.90 17.42 -9.91
C VAL A 297 -1.11 16.21 -10.44
N ALA A 298 -1.76 15.06 -10.42
CA ALA A 298 -1.12 13.78 -10.78
C ALA A 298 -2.07 12.86 -11.57
N PRO A 299 -1.53 12.07 -12.50
CA PRO A 299 -2.45 11.35 -13.37
C PRO A 299 -2.91 10.06 -12.74
N GLY A 300 -2.13 9.59 -11.76
CA GLY A 300 -2.29 8.24 -11.22
C GLY A 300 -2.93 8.12 -9.85
N GLU A 301 -3.14 6.87 -9.44
CA GLU A 301 -3.87 6.55 -8.23
C GLU A 301 -3.41 5.18 -7.74
N ARG A 302 -3.39 4.97 -6.43
CA ARG A 302 -3.19 3.64 -5.89
C ARG A 302 -4.47 2.84 -6.17
N PRO A 303 -4.32 1.53 -6.39
CA PRO A 303 -5.53 0.74 -6.44
C PRO A 303 -6.03 0.54 -5.01
N SER A 304 -7.34 0.38 -4.87
CA SER A 304 -7.96 0.18 -3.56
C SER A 304 -7.77 -1.25 -3.11
N GLY A 305 -7.86 -1.49 -1.80
CA GLY A 305 -7.80 -2.85 -1.28
C GLY A 305 -6.63 -3.18 -0.36
N MET A 306 -5.96 -2.14 0.11
CA MET A 306 -4.99 -2.31 1.21
C MET A 306 -5.29 -1.30 2.32
N PHE A 307 -5.40 -1.79 3.56
CA PHE A 307 -5.61 -0.90 4.68
C PHE A 307 -4.63 -1.11 5.85
N ASP A 308 -4.39 -0.04 6.62
CA ASP A 308 -3.36 -0.04 7.67
C ASP A 308 -3.71 -0.92 8.85
N SER A 309 -2.68 -1.35 9.57
CA SER A 309 -2.77 -2.00 10.88
C SER A 309 -3.64 -1.19 11.85
N SER A 310 -3.57 0.15 11.75
CA SER A 310 -4.33 0.99 12.64
C SER A 310 -5.81 0.88 12.35
N VAL A 311 -6.20 0.20 11.29
CA VAL A 311 -7.64 -0.13 11.11
C VAL A 311 -8.02 -1.36 11.94
N LEU A 312 -7.11 -2.34 12.03
CA LEU A 312 -7.29 -3.44 12.98
C LEU A 312 -7.51 -2.92 14.41
N CYS A 313 -6.59 -2.08 14.90
CA CYS A 313 -6.74 -1.39 16.17
C CYS A 313 -8.11 -0.70 16.30
N GLU A 314 -8.63 -0.19 15.18
CA GLU A 314 -9.94 0.41 15.19
C GLU A 314 -11.11 -0.55 15.44
N CYS A 315 -10.92 -1.80 15.02
CA CYS A 315 -11.94 -2.85 15.06
C CYS A 315 -12.01 -3.30 16.49
N TYR A 316 -10.85 -3.46 17.11
CA TYR A 316 -10.78 -3.86 18.50
C TYR A 316 -11.29 -2.75 19.40
N ASP A 317 -11.01 -1.50 19.00
CA ASP A 317 -11.58 -0.32 19.65
C ASP A 317 -13.11 -0.27 19.51
N ALA A 318 -13.64 -0.36 18.29
CA ALA A 318 -15.09 -0.27 18.13
C ALA A 318 -15.78 -1.39 18.87
N GLY A 319 -15.22 -2.60 18.73
CA GLY A 319 -15.70 -3.76 19.43
C GLY A 319 -15.88 -3.56 20.92
N CYS A 320 -14.84 -3.04 21.58
CA CYS A 320 -14.79 -2.75 23.02
C CYS A 320 -15.58 -1.53 23.46
N ALA A 321 -15.64 -0.50 22.62
CA ALA A 321 -16.37 0.74 22.97
C ALA A 321 -17.85 0.73 22.64
N TRP A 322 -18.21 0.18 21.49
CA TRP A 322 -19.55 0.32 20.97
C TRP A 322 -20.34 -0.98 20.99
N TYR A 323 -19.67 -2.09 20.74
CA TYR A 323 -20.38 -3.32 20.40
C TYR A 323 -20.23 -4.43 21.43
N GLU A 324 -19.73 -4.12 22.62
CA GLU A 324 -19.76 -5.09 23.72
C GLU A 324 -19.16 -6.46 23.36
N LEU A 325 -18.18 -6.42 22.47
CA LEU A 325 -17.39 -7.57 22.09
C LEU A 325 -16.09 -7.71 22.95
N THR A 326 -15.80 -8.92 23.42
CA THR A 326 -14.45 -9.16 23.92
C THR A 326 -13.42 -9.00 22.77
N PRO A 327 -12.17 -8.65 23.10
CA PRO A 327 -11.16 -8.82 22.06
C PRO A 327 -11.25 -10.18 21.35
N ALA A 328 -11.45 -11.28 22.08
CA ALA A 328 -11.43 -12.62 21.45
C ALA A 328 -12.51 -12.81 20.36
N GLU A 329 -13.77 -12.49 20.69
CA GLU A 329 -14.88 -12.45 19.71
C GLU A 329 -14.56 -11.58 18.49
N THR A 330 -14.01 -10.39 18.74
CA THR A 330 -13.63 -9.47 17.67
C THR A 330 -12.64 -10.14 16.71
N THR A 331 -11.66 -10.86 17.28
CA THR A 331 -10.70 -11.68 16.53
C THR A 331 -11.41 -12.74 15.65
N VAL A 332 -12.36 -13.49 16.23
CA VAL A 332 -13.05 -14.56 15.50
C VAL A 332 -13.70 -13.97 14.26
N ARG A 333 -14.27 -12.78 14.40
CA ARG A 333 -14.97 -12.09 13.30
C ARG A 333 -14.01 -11.52 12.22
N LEU A 334 -12.89 -10.95 12.68
CA LEU A 334 -11.83 -10.45 11.80
C LEU A 334 -11.13 -11.58 11.07
N ARG A 335 -10.94 -12.71 11.75
CA ARG A 335 -10.43 -13.93 11.09
C ARG A 335 -11.30 -14.38 9.89
N ALA A 336 -12.61 -14.45 10.09
CA ALA A 336 -13.47 -14.86 8.99
C ALA A 336 -13.25 -13.93 7.80
N TYR A 337 -13.17 -12.63 8.09
CA TYR A 337 -12.96 -11.62 7.05
C TYR A 337 -11.63 -11.81 6.32
N MET A 338 -10.57 -12.09 7.06
CA MET A 338 -9.28 -12.32 6.42
C MET A 338 -9.19 -13.68 5.73
N ASN A 339 -10.07 -14.62 6.12
CA ASN A 339 -10.16 -15.93 5.47
C ASN A 339 -11.06 -15.97 4.25
N THR A 340 -11.50 -14.81 3.78
CA THR A 340 -12.32 -14.73 2.57
C THR A 340 -11.56 -14.01 1.43
N PRO A 341 -11.58 -14.58 0.21
CA PRO A 341 -10.88 -13.88 -0.89
C PRO A 341 -11.75 -12.71 -1.39
N GLY A 342 -11.15 -11.78 -2.13
CA GLY A 342 -11.89 -10.63 -2.70
C GLY A 342 -12.24 -9.52 -1.71
N LEU A 343 -11.46 -9.39 -0.66
CA LEU A 343 -11.72 -8.32 0.29
C LEU A 343 -10.44 -7.55 0.51
N PRO A 344 -10.56 -6.26 0.88
CA PRO A 344 -9.35 -5.56 1.29
C PRO A 344 -8.52 -6.44 2.22
N VAL A 345 -7.22 -6.40 1.99
CA VAL A 345 -6.26 -7.25 2.68
C VAL A 345 -5.46 -6.40 3.66
N CYS A 346 -5.00 -6.99 4.77
CA CYS A 346 -4.09 -6.23 5.61
C CYS A 346 -3.08 -7.10 6.31
N GLN A 347 -2.00 -6.47 6.81
CA GLN A 347 -1.09 -7.14 7.78
C GLN A 347 -1.86 -8.02 8.80
N ASP A 348 -1.31 -9.17 9.17
CA ASP A 348 -1.99 -10.05 10.11
C ASP A 348 -1.57 -9.74 11.54
N HIS A 349 -2.09 -8.65 12.10
CA HIS A 349 -1.73 -8.31 13.48
C HIS A 349 -2.83 -8.64 14.48
N LEU A 350 -3.58 -9.70 14.17
CA LEU A 350 -4.71 -10.12 15.00
C LEU A 350 -4.33 -10.50 16.43
N GLU A 351 -3.30 -11.32 16.58
CA GLU A 351 -2.88 -11.72 17.91
C GLU A 351 -2.29 -10.56 18.71
N PHE A 352 -1.51 -9.72 18.02
CA PHE A 352 -1.02 -8.48 18.66
C PHE A 352 -2.16 -7.62 19.20
N TRP A 353 -3.03 -7.15 18.30
CA TRP A 353 -4.14 -6.30 18.71
C TRP A 353 -5.09 -6.90 19.72
N GLU A 354 -5.43 -8.18 19.57
CA GLU A 354 -6.24 -8.84 20.59
C GLU A 354 -5.51 -8.79 21.94
N GLY A 355 -4.25 -9.21 21.95
CA GLY A 355 -3.39 -9.11 23.13
C GLY A 355 -3.48 -7.75 23.83
N VAL A 356 -3.23 -6.67 23.07
CA VAL A 356 -3.30 -5.31 23.62
C VAL A 356 -4.59 -5.02 24.33
N PHE A 357 -5.73 -5.20 23.67
CA PHE A 357 -6.99 -4.75 24.31
C PHE A 357 -7.36 -5.65 25.51
N THR A 358 -6.84 -6.88 25.52
CA THR A 358 -7.24 -7.86 26.53
C THR A 358 -6.77 -7.37 27.90
N GLY A 359 -5.61 -6.74 27.93
CA GLY A 359 -5.07 -6.12 29.17
C GLY A 359 -5.78 -4.86 29.63
N LEU A 360 -6.73 -4.35 28.84
CA LEU A 360 -7.28 -3.03 29.08
C LEU A 360 -8.62 -3.06 29.80
N THR A 361 -8.53 -3.33 31.10
CA THR A 361 -9.69 -3.68 31.91
C THR A 361 -10.04 -2.55 32.84
N HIS A 362 -11.28 -2.60 33.33
CA HIS A 362 -11.76 -1.60 34.25
C HIS A 362 -11.56 -0.13 33.80
N ILE A 363 -11.85 0.16 32.53
CA ILE A 363 -11.96 1.54 32.04
C ILE A 363 -13.01 2.30 32.84
N ASP A 364 -12.86 3.62 32.95
CA ASP A 364 -13.90 4.37 33.60
C ASP A 364 -15.01 4.59 32.63
N ALA A 365 -16.23 4.17 33.00
CA ALA A 365 -17.32 4.11 32.02
C ALA A 365 -17.74 5.52 31.72
N HIS A 366 -17.53 6.41 32.69
CA HIS A 366 -17.83 7.81 32.45
C HIS A 366 -16.92 8.44 31.36
N PHE A 367 -15.60 8.23 31.46
CA PHE A 367 -14.66 8.67 30.44
C PHE A 367 -14.99 8.06 29.08
N LEU A 368 -15.16 6.73 29.07
CA LEU A 368 -15.59 6.03 27.83
C LEU A 368 -16.77 6.71 27.19
N SER A 369 -17.73 7.11 28.02
CA SER A 369 -18.96 7.67 27.52
C SER A 369 -18.75 9.05 26.87
N GLN A 370 -17.79 9.82 27.38
CA GLN A 370 -17.46 11.13 26.81
C GLN A 370 -16.64 11.07 25.50
N THR A 371 -15.72 10.11 25.38
CA THR A 371 -14.91 10.01 24.17
C THR A 371 -15.74 9.40 23.02
N LYS A 372 -16.72 8.56 23.36
CA LYS A 372 -17.73 8.10 22.37
C LYS A 372 -18.62 9.24 21.89
N GLN A 373 -19.32 9.94 22.79
CA GLN A 373 -20.17 11.08 22.40
C GLN A 373 -19.39 12.01 21.45
N SER A 374 -18.18 12.36 21.86
CA SER A 374 -17.34 13.37 21.20
C SER A 374 -16.74 13.01 19.83
N GLY A 375 -17.03 11.82 19.32
CA GLY A 375 -16.57 11.47 17.98
C GLY A 375 -15.06 11.29 17.85
N GLU A 376 -14.36 11.26 18.99
CA GLU A 376 -12.96 10.83 19.04
C GLU A 376 -12.71 9.61 18.14
N ASN A 377 -11.58 9.58 17.43
CA ASN A 377 -11.08 8.30 16.99
C ASN A 377 -10.38 7.60 18.16
N PHE A 378 -10.43 6.27 18.13
CA PHE A 378 -10.01 5.44 19.26
C PHE A 378 -10.58 5.87 20.58
N PRO A 379 -11.92 5.97 20.65
CA PRO A 379 -12.59 6.38 21.89
C PRO A 379 -12.21 5.48 23.05
N TYR A 380 -12.01 4.19 22.78
CA TYR A 380 -11.56 3.28 23.84
C TYR A 380 -10.15 3.57 24.31
N LEU A 381 -9.20 3.72 23.40
CA LEU A 381 -7.82 3.92 23.85
C LEU A 381 -7.67 5.24 24.58
N VAL A 382 -8.40 6.25 24.11
CA VAL A 382 -8.34 7.55 24.76
C VAL A 382 -8.87 7.46 26.16
N ALA A 383 -10.05 6.86 26.31
CA ALA A 383 -10.70 6.83 27.64
C ALA A 383 -9.91 5.96 28.61
N TYR A 384 -9.15 5.02 28.06
CA TYR A 384 -8.35 4.16 28.88
C TYR A 384 -7.10 4.90 29.45
N GLN A 385 -6.43 5.66 28.59
CA GLN A 385 -5.33 6.53 29.02
C GLN A 385 -5.83 7.63 29.97
N ALA A 386 -7.04 8.12 29.73
CA ALA A 386 -7.72 8.96 30.73
C ALA A 386 -7.95 8.25 32.07
N THR A 387 -8.29 6.97 32.02
CA THR A 387 -8.58 6.23 33.23
C THR A 387 -7.28 6.05 34.04
N VAL A 388 -6.29 5.50 33.36
CA VAL A 388 -5.04 5.29 33.95
C VAL A 388 -4.51 6.61 34.58
N CYS A 389 -4.65 7.73 33.86
CA CYS A 389 -4.25 9.03 34.37
C CYS A 389 -4.95 9.45 35.66
N ALA A 390 -6.29 9.39 35.65
CA ALA A 390 -7.14 9.73 36.81
C ALA A 390 -6.81 8.99 38.08
N ARG A 391 -6.65 7.68 37.97
CA ARG A 391 -6.39 6.86 39.14
C ARG A 391 -4.99 7.12 39.69
N ALA A 392 -4.04 7.47 38.85
CA ALA A 392 -2.70 7.86 39.31
C ALA A 392 -2.70 9.30 39.85
N GLN A 393 -3.74 10.08 39.52
CA GLN A 393 -3.77 11.53 39.78
C GLN A 393 -2.69 12.29 39.00
N ALA A 394 -2.36 11.73 37.83
CA ALA A 394 -1.45 12.32 36.90
C ALA A 394 -2.26 13.04 35.81
N PRO A 395 -1.61 13.99 35.11
CA PRO A 395 -2.26 14.65 33.96
C PRO A 395 -2.14 13.79 32.74
N PRO A 396 -2.94 14.08 31.70
CA PRO A 396 -2.83 13.34 30.44
C PRO A 396 -1.58 13.80 29.64
N PRO A 397 -1.26 13.13 28.53
CA PRO A 397 -0.01 13.55 27.92
C PRO A 397 -0.04 15.01 27.36
N SER A 398 -1.22 15.56 27.09
CA SER A 398 -1.34 16.98 26.70
C SER A 398 -2.72 17.53 27.02
N TRP A 399 -2.87 18.84 26.97
CA TRP A 399 -4.18 19.44 27.23
C TRP A 399 -4.98 19.71 25.95
N ASP A 400 -4.62 19.00 24.89
CA ASP A 400 -5.34 19.08 23.61
C ASP A 400 -6.81 18.73 23.79
N GLN A 401 -7.55 18.69 22.68
CA GLN A 401 -8.99 18.40 22.71
C GLN A 401 -9.24 16.93 22.97
N MET A 402 -8.32 16.10 22.55
CA MET A 402 -8.41 14.69 22.89
C MET A 402 -8.70 14.43 24.36
N TRP A 403 -8.13 15.23 25.26
CA TRP A 403 -8.16 14.93 26.66
C TRP A 403 -9.18 15.77 27.42
N LYS A 404 -10.18 16.27 26.70
CA LYS A 404 -11.32 17.00 27.30
C LYS A 404 -11.93 16.35 28.51
N CYS A 405 -12.16 15.04 28.47
CA CYS A 405 -12.79 14.33 29.63
C CYS A 405 -12.08 14.52 30.98
N LEU A 406 -10.84 14.99 30.95
CA LEU A 406 -10.00 15.15 32.15
C LEU A 406 -9.96 16.58 32.69
N ILE A 407 -10.61 17.50 31.97
CA ILE A 407 -10.62 18.89 32.36
C ILE A 407 -11.29 19.03 33.71
N ARG A 408 -12.46 18.42 33.90
CA ARG A 408 -13.12 18.51 35.20
C ARG A 408 -12.08 18.27 36.31
N LEU A 409 -11.24 17.24 36.17
CA LEU A 409 -10.24 16.90 37.19
C LEU A 409 -8.89 17.65 37.12
N LYS A 410 -8.64 18.42 36.06
CA LYS A 410 -7.32 19.05 35.84
C LYS A 410 -6.69 19.62 37.14
N PRO A 411 -7.51 20.32 37.94
CA PRO A 411 -7.03 20.96 39.17
C PRO A 411 -6.36 20.03 40.14
N THR A 412 -6.77 18.75 40.13
CA THR A 412 -6.24 17.73 41.03
C THR A 412 -5.00 16.95 40.54
N LEU A 413 -4.60 17.18 39.31
CA LEU A 413 -3.66 16.27 38.64
C LEU A 413 -2.28 16.87 38.55
N HIS A 414 -1.28 16.10 39.00
CA HIS A 414 0.11 16.56 39.12
C HIS A 414 1.08 15.47 38.66
N GLY A 415 2.29 15.89 38.27
CA GLY A 415 3.37 14.94 38.02
C GLY A 415 3.43 14.46 36.57
N PRO A 416 4.17 13.36 36.34
CA PRO A 416 4.37 12.84 35.00
C PRO A 416 3.20 11.95 34.55
N THR A 417 2.92 11.97 33.25
CA THR A 417 1.89 11.14 32.63
C THR A 417 2.36 9.70 32.49
N PRO A 418 1.64 8.74 33.11
CA PRO A 418 1.94 7.33 32.81
C PRO A 418 1.55 6.99 31.38
N LEU A 419 2.49 7.14 30.44
CA LEU A 419 2.19 7.01 28.98
C LEU A 419 1.96 5.57 28.53
N LEU A 420 0.81 5.31 27.91
CA LEU A 420 0.47 3.94 27.52
C LEU A 420 0.88 3.58 26.09
N TYR A 421 0.79 4.58 25.21
CA TYR A 421 0.85 4.50 23.78
C TYR A 421 0.82 5.97 23.39
N ARG A 422 0.91 6.27 22.09
CA ARG A 422 0.99 7.64 21.66
C ARG A 422 -0.07 7.96 20.63
N LEU A 423 -1.04 8.77 21.02
CA LEU A 423 -2.18 9.10 20.14
C LEU A 423 -2.07 10.50 19.49
N GLY A 424 -1.06 11.26 19.87
CA GLY A 424 -0.91 12.61 19.39
C GLY A 424 0.28 13.22 20.10
N ALA A 425 0.33 14.55 20.10
CA ALA A 425 1.48 15.23 20.66
C ALA A 425 1.53 15.08 22.19
N VAL A 426 2.75 14.97 22.71
CA VAL A 426 3.00 14.73 24.11
C VAL A 426 3.81 15.89 24.66
N GLN A 427 3.19 16.70 25.50
CA GLN A 427 3.79 17.92 26.03
C GLN A 427 4.18 17.75 27.49
N ASN A 428 3.49 16.83 28.16
CA ASN A 428 3.76 16.56 29.55
C ASN A 428 4.91 15.55 29.64
N GLU A 429 5.76 15.73 30.64
CA GLU A 429 6.77 14.71 30.88
C GLU A 429 6.05 13.40 31.22
N VAL A 430 6.69 12.26 30.97
CA VAL A 430 6.04 10.96 31.05
C VAL A 430 6.80 10.02 31.95
N THR A 431 6.06 9.14 32.64
CA THR A 431 6.62 7.94 33.27
C THR A 431 6.34 6.72 32.40
N LEU A 432 7.27 5.78 32.37
CA LEU A 432 7.17 4.64 31.46
C LEU A 432 6.89 3.34 32.18
N THR A 433 6.59 3.42 33.47
CA THR A 433 6.62 2.25 34.35
C THR A 433 5.27 1.67 34.76
N HIS A 434 4.19 2.19 34.20
CA HIS A 434 2.89 1.72 34.58
C HIS A 434 2.74 0.25 34.15
N PRO A 435 2.04 -0.57 34.94
CA PRO A 435 1.88 -1.99 34.58
C PRO A 435 1.25 -2.18 33.19
N ILE A 436 0.28 -1.33 32.84
CA ILE A 436 -0.30 -1.36 31.53
C ILE A 436 0.74 -1.02 30.45
N THR A 437 1.53 0.03 30.65
CA THR A 437 2.63 0.30 29.71
C THR A 437 3.52 -0.96 29.53
N LYS A 438 3.95 -1.54 30.65
CA LYS A 438 4.87 -2.69 30.61
C LYS A 438 4.27 -3.87 29.90
N TYR A 439 2.96 -4.05 30.11
CA TYR A 439 2.22 -5.18 29.58
C TYR A 439 2.17 -5.04 28.07
N ILE A 440 1.82 -3.85 27.59
CA ILE A 440 1.78 -3.65 26.15
C ILE A 440 3.13 -3.90 25.57
N MET A 441 4.15 -3.26 26.08
CA MET A 441 5.54 -3.59 25.71
C MET A 441 5.77 -5.11 25.50
N THR A 442 5.26 -5.96 26.39
CA THR A 442 5.46 -7.41 26.21
C THR A 442 4.79 -7.89 24.94
N CYS A 443 3.57 -7.39 24.70
CA CYS A 443 2.72 -7.79 23.57
C CYS A 443 3.49 -7.64 22.26
N MET A 444 4.17 -6.52 22.10
CA MET A 444 4.97 -6.24 20.90
C MET A 444 6.26 -7.07 20.73
N SER A 445 6.79 -7.56 21.84
CA SER A 445 7.94 -8.44 21.80
C SER A 445 7.51 -9.90 21.69
N ALA A 446 6.27 -10.19 22.08
CA ALA A 446 5.71 -11.53 21.88
C ALA A 446 5.02 -11.72 20.50
N ASP A 447 4.19 -10.77 20.08
CA ASP A 447 3.34 -10.97 18.88
C ASP A 447 3.80 -10.23 17.61
N LEU A 448 4.92 -9.53 17.71
CA LEU A 448 5.51 -8.80 16.58
C LEU A 448 7.02 -9.11 16.40
N ASP B 7 -5.80 2.08 -23.67
CA ASP B 7 -5.36 0.75 -23.18
C ASP B 7 -5.59 -0.35 -24.24
N ASN B 8 -4.75 -1.39 -24.24
CA ASN B 8 -4.83 -2.48 -25.25
C ASN B 8 -4.66 -3.90 -24.69
N SER B 9 -5.43 -4.82 -25.25
CA SER B 9 -5.25 -6.27 -25.07
C SER B 9 -4.55 -6.76 -26.31
N SER B 10 -4.37 -5.83 -27.25
CA SER B 10 -3.75 -6.06 -28.57
C SER B 10 -2.80 -4.86 -28.95
N PRO B 11 -1.95 -4.98 -30.00
CA PRO B 11 -0.91 -3.94 -30.17
C PRO B 11 -1.33 -2.67 -30.93
N PRO B 12 -1.02 -1.48 -30.36
CA PRO B 12 -1.45 -0.19 -30.90
C PRO B 12 -0.79 0.15 -32.23
N ALA B 13 -1.56 0.74 -33.15
CA ALA B 13 -1.01 1.23 -34.41
C ALA B 13 -0.06 2.39 -34.14
N VAL B 14 0.93 2.59 -35.01
CA VAL B 14 1.85 3.71 -34.87
C VAL B 14 1.02 4.96 -35.14
N PRO B 15 0.93 5.88 -34.14
CA PRO B 15 0.07 7.05 -34.26
C PRO B 15 0.74 8.14 -35.07
N GLN B 16 -0.02 9.15 -35.44
CA GLN B 16 0.48 10.31 -36.13
C GLN B 16 1.27 11.18 -35.15
N SER B 17 0.76 11.29 -33.92
CA SER B 17 1.41 12.07 -32.84
C SER B 17 1.86 11.19 -31.67
N PHE B 18 2.91 11.65 -30.96
CA PHE B 18 3.51 10.87 -29.92
C PHE B 18 2.47 10.47 -28.87
N GLN B 19 2.46 9.17 -28.56
CA GLN B 19 1.54 8.55 -27.64
C GLN B 19 2.28 7.57 -26.75
N VAL B 20 1.90 7.54 -25.49
CA VAL B 20 2.25 6.48 -24.57
C VAL B 20 1.11 5.47 -24.60
N ALA B 21 1.42 4.18 -24.77
CA ALA B 21 0.33 3.21 -24.89
C ALA B 21 0.51 2.07 -23.94
N HIS B 22 -0.59 1.67 -23.30
CA HIS B 22 -0.60 0.53 -22.42
C HIS B 22 -0.99 -0.75 -23.13
N LEU B 23 -0.15 -1.75 -22.99
CA LEU B 23 -0.45 -3.05 -23.52
C LEU B 23 -0.58 -4.09 -22.39
N HIS B 24 -1.82 -4.47 -22.08
CA HIS B 24 -2.10 -5.44 -21.03
C HIS B 24 -2.49 -6.79 -21.61
N ALA B 25 -1.51 -7.71 -21.57
CA ALA B 25 -1.65 -9.05 -22.13
C ALA B 25 -0.67 -10.01 -21.43
N PRO B 26 -1.04 -11.33 -21.35
CA PRO B 26 -0.28 -12.38 -20.65
C PRO B 26 1.17 -12.57 -21.11
N THR B 27 1.97 -13.22 -20.27
CA THR B 27 3.37 -13.51 -20.58
C THR B 27 3.44 -14.63 -21.63
N GLY B 28 4.49 -14.58 -22.45
CA GLY B 28 4.63 -15.51 -23.57
C GLY B 28 3.84 -15.09 -24.81
N SER B 29 2.67 -14.46 -24.60
CA SER B 29 1.76 -14.07 -25.66
C SER B 29 2.28 -13.04 -26.70
N GLY B 30 3.60 -12.89 -26.82
CA GLY B 30 4.16 -12.16 -27.95
C GLY B 30 4.49 -10.69 -27.78
N LYS B 31 4.11 -10.08 -26.66
CA LYS B 31 4.35 -8.64 -26.52
C LYS B 31 5.81 -8.23 -26.71
N SER B 32 6.74 -9.08 -26.24
CA SER B 32 8.17 -8.88 -26.48
C SER B 32 8.68 -9.57 -27.78
N THR B 33 7.81 -10.29 -28.49
CA THR B 33 8.25 -11.09 -29.64
C THR B 33 7.42 -10.85 -30.91
N LYS B 34 6.19 -11.36 -30.95
CA LYS B 34 5.34 -11.21 -32.11
C LYS B 34 5.05 -9.74 -32.29
N VAL B 35 4.91 -9.02 -31.20
CA VAL B 35 4.61 -7.61 -31.33
C VAL B 35 5.73 -6.83 -32.03
N PRO B 36 6.97 -6.83 -31.49
CA PRO B 36 7.96 -6.00 -32.15
C PRO B 36 8.21 -6.47 -33.57
N ALA B 37 8.10 -7.79 -33.80
CA ALA B 37 8.21 -8.37 -35.14
C ALA B 37 7.19 -7.72 -36.08
N ALA B 38 5.93 -7.69 -35.66
CA ALA B 38 4.87 -7.08 -36.44
C ALA B 38 5.24 -5.65 -36.83
N TYR B 39 5.86 -4.92 -35.87
CA TYR B 39 6.29 -3.54 -36.08
C TYR B 39 7.44 -3.42 -37.08
N ALA B 40 8.42 -4.31 -36.98
CA ALA B 40 9.54 -4.31 -37.91
C ALA B 40 9.13 -4.68 -39.34
N ALA B 41 8.09 -5.52 -39.48
CA ALA B 41 7.55 -5.90 -40.78
C ALA B 41 6.91 -4.70 -41.49
N GLN B 42 6.27 -3.84 -40.70
CA GLN B 42 5.75 -2.57 -41.20
C GLN B 42 6.85 -1.53 -41.45
N GLY B 43 8.11 -1.95 -41.29
CA GLY B 43 9.28 -1.09 -41.57
C GLY B 43 9.66 -0.07 -40.48
N TYR B 44 9.32 -0.35 -39.23
CA TYR B 44 9.66 0.57 -38.14
C TYR B 44 10.85 0.05 -37.38
N LYS B 45 11.64 0.97 -36.83
CA LYS B 45 12.71 0.63 -35.87
C LYS B 45 12.13 0.51 -34.46
N VAL B 46 12.40 -0.61 -33.80
CA VAL B 46 11.81 -0.92 -32.51
C VAL B 46 12.79 -1.35 -31.44
N LEU B 47 12.78 -0.62 -30.31
CA LEU B 47 13.53 -0.98 -29.10
C LEU B 47 12.62 -1.71 -28.11
N VAL B 48 13.06 -2.85 -27.58
CA VAL B 48 12.36 -3.60 -26.51
C VAL B 48 13.16 -3.61 -25.22
N LEU B 49 12.60 -3.07 -24.15
CA LEU B 49 13.29 -3.07 -22.86
C LEU B 49 12.82 -4.12 -21.81
N ASN B 50 13.75 -4.74 -21.09
CA ASN B 50 13.43 -5.72 -20.02
C ASN B 50 14.36 -5.61 -18.81
N PRO B 51 13.85 -5.92 -17.61
CA PRO B 51 14.76 -5.89 -16.43
C PRO B 51 15.93 -6.88 -16.53
N SER B 52 15.69 -7.99 -17.22
CA SER B 52 16.47 -9.18 -17.00
C SER B 52 17.42 -9.41 -18.17
N VAL B 53 18.68 -9.61 -17.84
CA VAL B 53 19.72 -9.95 -18.81
C VAL B 53 19.38 -11.30 -19.49
N ALA B 54 18.93 -12.29 -18.70
CA ALA B 54 18.52 -13.60 -19.24
C ALA B 54 17.33 -13.49 -20.20
N ALA B 55 16.27 -12.81 -19.78
CA ALA B 55 15.12 -12.62 -20.69
C ALA B 55 15.59 -11.97 -21.98
N THR B 56 16.28 -10.85 -21.88
CA THR B 56 16.84 -10.13 -23.05
C THR B 56 17.64 -11.00 -24.06
N LEU B 57 18.58 -11.79 -23.58
CA LEU B 57 19.25 -12.74 -24.47
C LEU B 57 18.28 -13.83 -24.90
N GLY B 58 17.40 -14.23 -23.99
CA GLY B 58 16.35 -15.21 -24.27
C GLY B 58 15.57 -14.84 -25.53
N PHE B 59 15.02 -13.62 -25.54
CA PHE B 59 14.31 -13.07 -26.73
C PHE B 59 15.15 -13.03 -28.01
N GLY B 60 16.42 -12.63 -27.87
CA GLY B 60 17.36 -12.55 -28.99
C GLY B 60 17.49 -13.88 -29.69
N ALA B 61 17.89 -14.89 -28.95
CA ALA B 61 18.01 -16.26 -29.45
C ALA B 61 16.73 -16.73 -30.15
N TYR B 62 15.60 -16.43 -29.51
CA TYR B 62 14.29 -16.84 -29.95
C TYR B 62 13.90 -16.19 -31.27
N MET B 63 14.34 -14.94 -31.47
CA MET B 63 13.99 -14.17 -32.66
C MET B 63 14.89 -14.38 -33.89
N SER B 64 16.05 -15.02 -33.69
CA SER B 64 16.97 -15.23 -34.80
C SER B 64 16.75 -16.62 -35.36
N LYS B 65 15.49 -17.06 -35.35
CA LYS B 65 15.14 -18.42 -35.72
C LYS B 65 13.62 -18.65 -35.83
N ALA B 66 12.83 -17.88 -35.07
CA ALA B 66 11.37 -18.04 -35.04
C ALA B 66 10.63 -17.04 -35.95
N HIS B 67 11.25 -15.88 -36.17
CA HIS B 67 10.75 -14.92 -37.17
C HIS B 67 11.82 -14.64 -38.24
N ASP B 70 17.69 -11.66 -37.13
CA ASP B 70 18.88 -11.43 -36.30
C ASP B 70 18.88 -10.06 -35.58
N PRO B 71 18.36 -10.01 -34.34
CA PRO B 71 18.18 -8.73 -33.64
C PRO B 71 19.43 -8.25 -32.90
N ASN B 72 19.62 -6.93 -32.80
CA ASN B 72 20.68 -6.38 -31.97
C ASN B 72 20.38 -6.73 -30.51
N ILE B 73 21.44 -6.88 -29.71
CA ILE B 73 21.31 -7.26 -28.34
C ILE B 73 22.21 -6.35 -27.51
N ARG B 74 21.68 -5.76 -26.45
CA ARG B 74 22.43 -4.84 -25.64
C ARG B 74 22.26 -5.10 -24.14
N THR B 75 23.35 -5.56 -23.56
CA THR B 75 23.39 -5.93 -22.16
C THR B 75 24.76 -5.54 -21.65
N GLY B 76 24.89 -5.44 -20.33
CA GLY B 76 26.18 -5.21 -19.68
C GLY B 76 27.26 -6.22 -20.05
N VAL B 77 26.90 -7.49 -20.24
CA VAL B 77 27.91 -8.52 -20.61
C VAL B 77 28.05 -8.77 -22.11
N ARG B 78 27.01 -8.51 -22.90
CA ARG B 78 27.04 -8.82 -24.32
C ARG B 78 26.28 -7.86 -25.19
N THR B 79 26.99 -7.39 -26.21
CA THR B 79 26.48 -6.43 -27.17
C THR B 79 26.76 -6.99 -28.54
N ILE B 80 25.68 -7.16 -29.30
CA ILE B 80 25.72 -7.57 -30.68
C ILE B 80 24.99 -6.50 -31.51
N THR B 81 25.65 -5.97 -32.51
CA THR B 81 25.04 -5.03 -33.41
C THR B 81 24.92 -5.65 -34.79
N THR B 82 23.74 -6.21 -35.09
CA THR B 82 23.51 -6.88 -36.37
C THR B 82 23.01 -5.93 -37.47
N GLY B 83 22.37 -4.83 -37.05
CA GLY B 83 21.81 -3.87 -37.99
C GLY B 83 20.30 -4.06 -38.20
N SER B 84 19.73 -5.07 -37.55
CA SER B 84 18.29 -5.29 -37.52
C SER B 84 17.48 -4.05 -37.11
N PRO B 85 16.22 -3.98 -37.57
CA PRO B 85 15.31 -2.94 -37.06
C PRO B 85 14.92 -3.13 -35.57
N ILE B 86 15.07 -4.34 -35.04
CA ILE B 86 14.76 -4.66 -33.62
C ILE B 86 15.99 -4.70 -32.70
N THR B 87 15.84 -4.13 -31.51
CA THR B 87 16.88 -4.12 -30.51
C THR B 87 16.32 -4.53 -29.15
N TYR B 88 16.92 -5.54 -28.54
CA TYR B 88 16.57 -5.98 -27.19
C TYR B 88 17.67 -5.52 -26.27
N SER B 89 17.27 -4.76 -25.25
CA SER B 89 18.19 -4.20 -24.31
C SER B 89 17.54 -4.32 -22.95
N THR B 90 18.37 -4.51 -21.91
CA THR B 90 17.88 -4.41 -20.57
C THR B 90 17.73 -2.93 -20.31
N TYR B 91 17.13 -2.57 -19.15
CA TYR B 91 17.01 -1.19 -18.73
C TYR B 91 18.32 -0.67 -18.23
N GLY B 92 19.17 -1.53 -17.69
CA GLY B 92 20.46 -1.06 -17.14
C GLY B 92 21.40 -0.64 -18.26
N LYS B 93 21.44 -1.45 -19.31
CA LYS B 93 22.31 -1.20 -20.44
C LYS B 93 21.90 0.12 -21.05
N PHE B 94 20.60 0.26 -21.24
CA PHE B 94 20.02 1.40 -21.85
C PHE B 94 20.32 2.66 -21.05
N LEU B 95 20.20 2.63 -19.73
CA LEU B 95 20.66 3.78 -18.94
C LEU B 95 22.19 4.01 -19.01
N ALA B 96 22.96 2.94 -19.17
CA ALA B 96 24.43 3.06 -19.39
C ALA B 96 24.79 3.75 -20.70
N ASP B 97 24.06 3.44 -21.79
CA ASP B 97 24.29 4.08 -23.10
C ASP B 97 23.77 5.53 -23.18
N GLY B 98 23.30 6.07 -22.07
CA GLY B 98 22.84 7.47 -22.01
C GLY B 98 21.39 7.67 -22.43
N GLY B 99 20.64 6.56 -22.50
CA GLY B 99 19.21 6.59 -22.71
C GLY B 99 18.91 6.67 -24.18
N CYS B 100 17.88 7.44 -24.53
CA CYS B 100 17.46 7.58 -25.92
C CYS B 100 18.54 8.13 -26.85
N SER B 101 19.12 7.23 -27.67
CA SER B 101 19.96 7.61 -28.83
C SER B 101 19.07 8.35 -29.83
N GLY B 102 19.52 9.53 -30.28
CA GLY B 102 18.69 10.48 -31.02
C GLY B 102 18.42 10.19 -32.49
N GLY B 103 17.13 10.02 -32.82
CA GLY B 103 16.65 9.82 -34.19
C GLY B 103 16.86 8.41 -34.72
N ALA B 104 16.69 7.41 -33.84
CA ALA B 104 17.05 6.02 -34.14
C ALA B 104 16.05 4.98 -33.58
N TYR B 105 15.10 5.41 -32.77
CA TYR B 105 13.94 4.56 -32.48
C TYR B 105 12.63 5.22 -32.76
N ASP B 106 11.81 4.51 -33.53
CA ASP B 106 10.41 4.85 -33.73
C ASP B 106 9.52 4.40 -32.55
N ILE B 107 9.80 3.23 -32.02
CA ILE B 107 8.94 2.63 -31.01
C ILE B 107 9.79 2.08 -29.89
N ILE B 108 9.44 2.42 -28.67
CA ILE B 108 10.15 1.87 -27.54
C ILE B 108 9.11 1.18 -26.73
N ILE B 109 9.26 -0.14 -26.61
CA ILE B 109 8.43 -0.98 -25.77
C ILE B 109 9.09 -1.17 -24.39
N CYS B 110 8.44 -0.70 -23.33
CA CYS B 110 8.90 -0.99 -22.00
C CYS B 110 8.15 -2.19 -21.42
N ASP B 111 8.73 -3.37 -21.60
CA ASP B 111 8.16 -4.62 -21.10
C ASP B 111 8.51 -4.82 -19.63
N GLU B 112 7.60 -5.52 -18.93
CA GLU B 112 7.61 -5.74 -17.49
C GLU B 112 7.63 -4.40 -16.78
N CYS B 113 6.73 -3.52 -17.22
CA CYS B 113 6.72 -2.09 -16.90
C CYS B 113 6.14 -1.82 -15.52
N HIS B 114 5.62 -2.89 -14.89
CA HIS B 114 5.12 -2.87 -13.50
C HIS B 114 6.25 -2.95 -12.47
N SER B 115 7.48 -3.17 -12.96
CA SER B 115 8.64 -3.48 -12.11
C SER B 115 9.13 -2.28 -11.27
N THR B 116 9.43 -2.51 -10.01
CA THR B 116 9.77 -1.43 -9.09
C THR B 116 11.18 -1.56 -8.51
N ASP B 117 12.09 -2.20 -9.25
CA ASP B 117 13.50 -2.06 -8.95
C ASP B 117 13.89 -0.67 -9.47
N ALA B 118 14.87 -0.06 -8.85
CA ALA B 118 15.25 1.31 -9.15
C ALA B 118 15.52 1.43 -10.61
N THR B 119 16.20 0.41 -11.16
CA THR B 119 16.73 0.51 -12.50
C THR B 119 15.59 0.56 -13.50
N SER B 120 14.59 -0.32 -13.37
CA SER B 120 13.42 -0.29 -14.32
C SER B 120 12.74 1.06 -14.25
N ILE B 121 12.56 1.55 -13.04
CA ILE B 121 12.00 2.86 -12.85
C ILE B 121 12.78 3.97 -13.58
N LEU B 122 14.00 4.30 -13.16
CA LEU B 122 14.86 5.23 -13.92
C LEU B 122 14.80 4.91 -15.42
N GLY B 123 14.72 3.63 -15.73
CA GLY B 123 14.63 3.23 -17.15
C GLY B 123 13.37 3.77 -17.79
N ILE B 124 12.22 3.42 -17.20
CA ILE B 124 10.94 3.82 -17.75
C ILE B 124 10.81 5.34 -17.72
N GLY B 125 11.28 5.97 -16.67
CA GLY B 125 11.15 7.42 -16.59
C GLY B 125 12.03 8.12 -17.59
N THR B 126 13.19 7.56 -17.86
CA THR B 126 14.08 8.10 -18.89
C THR B 126 13.46 8.05 -20.25
N VAL B 127 12.83 6.92 -20.56
CA VAL B 127 12.13 6.78 -21.85
C VAL B 127 10.99 7.78 -21.94
N LEU B 128 10.13 7.79 -20.92
CA LEU B 128 9.03 8.75 -20.85
C LEU B 128 9.52 10.21 -21.03
N ASP B 129 10.60 10.57 -20.34
CA ASP B 129 11.18 11.90 -20.55
C ASP B 129 11.75 12.21 -21.96
N GLN B 130 12.44 11.25 -22.57
CA GLN B 130 13.28 11.57 -23.74
C GLN B 130 12.74 11.10 -25.09
N ALA B 131 11.92 10.04 -25.08
CA ALA B 131 11.45 9.40 -26.34
C ALA B 131 10.91 10.35 -27.43
N GLU B 132 10.01 11.27 -27.08
CA GLU B 132 9.43 12.18 -28.09
C GLU B 132 10.49 13.05 -28.80
N THR B 133 11.27 13.81 -28.03
CA THR B 133 12.40 14.59 -28.57
C THR B 133 13.32 13.70 -29.40
N ALA B 134 13.64 12.51 -28.89
CA ALA B 134 14.45 11.57 -29.67
C ALA B 134 13.84 11.23 -31.04
N GLY B 135 12.54 11.47 -31.21
CA GLY B 135 11.89 11.26 -32.51
C GLY B 135 11.04 10.01 -32.59
N ALA B 136 10.84 9.37 -31.43
CA ALA B 136 9.98 8.22 -31.29
C ALA B 136 8.57 8.66 -31.57
N ARG B 137 7.83 7.82 -32.27
CA ARG B 137 6.40 8.02 -32.50
C ARG B 137 5.52 7.47 -31.38
N LEU B 138 6.01 6.49 -30.60
CA LEU B 138 5.15 5.73 -29.67
C LEU B 138 5.97 4.99 -28.60
N VAL B 139 5.40 4.89 -27.40
CA VAL B 139 6.03 4.12 -26.30
C VAL B 139 4.93 3.20 -25.81
N VAL B 140 5.25 1.92 -25.61
CA VAL B 140 4.28 0.97 -25.14
C VAL B 140 4.73 0.47 -23.78
N LEU B 141 3.96 0.82 -22.77
CA LEU B 141 4.11 0.26 -21.46
C LEU B 141 3.39 -1.10 -21.43
N ALA B 142 4.19 -2.17 -21.43
CA ALA B 142 3.65 -3.52 -21.60
C ALA B 142 3.90 -4.34 -20.37
N THR B 143 2.87 -5.00 -19.88
CA THR B 143 3.00 -5.86 -18.72
C THR B 143 1.84 -6.86 -18.61
N ALA B 144 2.10 -7.98 -17.94
CA ALA B 144 1.06 -8.99 -17.75
C ALA B 144 0.27 -8.72 -16.49
N THR B 145 0.85 -7.90 -15.61
CA THR B 145 0.26 -7.59 -14.34
C THR B 145 0.36 -6.10 -14.15
N PRO B 146 -0.52 -5.33 -14.83
CA PRO B 146 -0.62 -3.88 -14.66
C PRO B 146 -1.03 -3.57 -13.22
N PRO B 147 -1.00 -2.27 -12.80
CA PRO B 147 -1.43 -1.93 -11.44
C PRO B 147 -2.82 -2.47 -11.16
N GLY B 148 -2.98 -3.14 -10.02
CA GLY B 148 -4.30 -3.54 -9.55
C GLY B 148 -4.70 -4.99 -9.81
N SER B 149 -3.79 -5.77 -10.37
CA SER B 149 -4.17 -7.11 -10.75
C SER B 149 -4.04 -8.06 -9.59
N VAL B 150 -4.76 -9.15 -9.72
CA VAL B 150 -4.72 -10.26 -8.81
C VAL B 150 -4.25 -11.48 -9.62
N THR B 151 -3.91 -12.54 -8.92
CA THR B 151 -3.44 -13.78 -9.50
C THR B 151 -4.48 -14.46 -10.41
N VAL B 152 -4.05 -14.84 -11.61
CA VAL B 152 -4.86 -15.64 -12.50
C VAL B 152 -4.65 -17.13 -12.19
N SER B 153 -5.71 -17.93 -12.34
CA SER B 153 -5.65 -19.36 -12.15
C SER B 153 -4.63 -19.98 -13.08
N HIS B 154 -3.87 -20.94 -12.57
CA HIS B 154 -2.90 -21.64 -13.41
C HIS B 154 -3.49 -22.99 -13.76
N PRO B 155 -3.53 -23.32 -15.07
CA PRO B 155 -4.10 -24.57 -15.57
C PRO B 155 -3.41 -25.78 -14.95
N ASN B 156 -2.11 -25.67 -14.68
CA ASN B 156 -1.36 -26.79 -14.08
C ASN B 156 -1.27 -26.83 -12.54
N ILE B 157 -2.08 -25.99 -11.86
CA ILE B 157 -1.86 -25.74 -10.44
C ILE B 157 -3.13 -25.79 -9.57
N GLU B 158 -3.24 -26.86 -8.77
CA GLU B 158 -4.37 -27.07 -7.89
C GLU B 158 -4.20 -26.29 -6.60
N GLU B 159 -5.20 -25.52 -6.24
CA GLU B 159 -5.04 -24.57 -5.16
C GLU B 159 -5.84 -24.89 -3.90
N VAL B 160 -5.14 -25.35 -2.87
CA VAL B 160 -5.77 -25.80 -1.63
C VAL B 160 -5.41 -24.92 -0.46
N ALA B 161 -6.41 -24.30 0.17
CA ALA B 161 -6.19 -23.52 1.38
C ALA B 161 -5.80 -24.46 2.49
N LEU B 162 -5.00 -23.96 3.42
CA LEU B 162 -4.70 -24.75 4.60
C LEU B 162 -5.82 -24.49 5.64
N SER B 163 -6.23 -25.53 6.36
CA SER B 163 -7.13 -25.38 7.51
C SER B 163 -6.26 -25.30 8.78
N THR B 164 -6.88 -25.29 9.96
CA THR B 164 -6.16 -25.31 11.25
C THR B 164 -5.84 -26.72 11.74
N THR B 165 -6.09 -27.70 10.85
CA THR B 165 -5.85 -29.11 11.14
C THR B 165 -4.52 -29.52 10.51
N GLY B 166 -3.63 -30.05 11.35
CA GLY B 166 -2.30 -30.42 10.92
C GLY B 166 -1.40 -30.26 12.12
N GLU B 167 -0.36 -31.08 12.19
CA GLU B 167 0.49 -31.11 13.39
C GLU B 167 1.63 -30.09 13.34
N ILE B 168 1.79 -29.43 12.19
CA ILE B 168 2.81 -28.38 12.00
C ILE B 168 2.21 -26.96 12.00
N PRO B 169 2.26 -26.27 13.16
CA PRO B 169 1.87 -24.87 13.24
C PRO B 169 2.60 -24.10 12.16
N PHE B 170 1.95 -23.09 11.57
CA PHE B 170 2.48 -22.41 10.38
C PHE B 170 1.67 -21.15 10.04
N TYR B 171 2.14 -20.00 10.54
CA TYR B 171 1.52 -18.70 10.28
C TYR B 171 0.01 -18.63 10.57
N GLY B 172 -0.41 -19.33 11.62
CA GLY B 172 -1.78 -19.28 12.11
C GLY B 172 -2.55 -20.54 11.79
N LYS B 173 -2.24 -21.12 10.63
CA LYS B 173 -2.84 -22.39 10.23
C LYS B 173 -1.89 -23.52 10.61
N ALA B 174 -1.99 -24.61 9.88
CA ALA B 174 -1.10 -25.73 10.07
C ALA B 174 -0.88 -26.42 8.74
N ILE B 175 0.28 -27.04 8.61
CA ILE B 175 0.52 -28.04 7.58
C ILE B 175 0.28 -29.46 8.13
N PRO B 176 -0.50 -30.28 7.41
CA PRO B 176 -0.56 -31.73 7.72
C PRO B 176 0.62 -32.52 7.14
N LEU B 177 1.08 -33.51 7.88
CA LEU B 177 2.28 -34.28 7.50
C LEU B 177 2.19 -35.03 6.17
N GLU B 178 1.01 -35.50 5.77
CA GLU B 178 0.96 -36.32 4.54
C GLU B 178 1.06 -35.57 3.20
N VAL B 179 0.97 -34.25 3.27
CA VAL B 179 1.15 -33.35 2.13
C VAL B 179 2.63 -33.29 1.73
N ILE B 180 3.48 -33.62 2.69
CA ILE B 180 4.93 -33.55 2.54
C ILE B 180 5.64 -34.89 2.92
N LYS B 181 4.83 -35.93 3.16
CA LYS B 181 5.31 -37.33 3.33
C LYS B 181 5.59 -37.92 1.95
N GLY B 182 6.78 -37.62 1.42
CA GLY B 182 7.12 -38.03 0.07
C GLY B 182 7.25 -36.84 -0.84
N GLY B 183 7.91 -37.05 -1.97
CA GLY B 183 8.10 -36.01 -2.97
C GLY B 183 8.98 -34.82 -2.58
N ARG B 184 9.19 -33.92 -3.54
CA ARG B 184 9.92 -32.68 -3.35
C ARG B 184 8.93 -31.51 -3.19
N HIS B 185 9.12 -30.73 -2.14
CA HIS B 185 8.16 -29.70 -1.74
C HIS B 185 8.93 -28.46 -1.31
N LEU B 186 8.31 -27.30 -1.48
CA LEU B 186 8.91 -26.01 -1.19
C LEU B 186 8.01 -25.11 -0.32
N ILE B 187 8.54 -24.66 0.82
CA ILE B 187 7.77 -23.79 1.70
C ILE B 187 8.38 -22.41 1.78
N PHE B 188 7.62 -21.42 1.33
CA PHE B 188 8.01 -20.02 1.39
C PHE B 188 7.62 -19.41 2.73
N CYS B 189 8.63 -19.15 3.57
CA CYS B 189 8.48 -18.36 4.80
C CYS B 189 8.98 -16.94 4.59
N HIS B 190 8.70 -16.06 5.54
CA HIS B 190 9.01 -14.64 5.34
C HIS B 190 10.44 -14.24 5.72
N SER B 191 11.08 -15.04 6.59
CA SER B 191 12.40 -14.72 7.14
C SER B 191 13.29 -15.92 7.40
N LYS B 192 14.53 -15.61 7.75
CA LYS B 192 15.57 -16.58 8.09
C LYS B 192 15.23 -17.41 9.33
N LYS B 193 14.99 -16.74 10.45
CA LYS B 193 14.68 -17.41 11.73
C LYS B 193 13.48 -18.38 11.67
N LYS B 194 12.48 -18.05 10.84
CA LYS B 194 11.33 -18.93 10.66
C LYS B 194 11.62 -20.19 9.85
N CYS B 195 12.48 -20.05 8.83
CA CYS B 195 12.94 -21.20 8.04
C CYS B 195 13.68 -22.22 8.91
N ASP B 196 14.75 -21.77 9.54
CA ASP B 196 15.54 -22.61 10.44
C ASP B 196 14.67 -23.35 11.46
N GLU B 197 13.73 -22.60 12.06
CA GLU B 197 12.77 -23.18 12.99
C GLU B 197 11.82 -24.18 12.34
N LEU B 198 11.23 -23.81 11.21
CA LEU B 198 10.36 -24.76 10.51
C LEU B 198 11.11 -26.04 10.12
N ALA B 199 12.29 -25.88 9.53
CA ALA B 199 13.13 -27.03 9.18
C ALA B 199 13.52 -27.84 10.42
N ALA B 200 13.79 -27.14 11.54
CA ALA B 200 14.01 -27.79 12.83
C ALA B 200 12.83 -28.68 13.18
N LYS B 201 11.62 -28.11 13.17
CA LYS B 201 10.38 -28.87 13.38
C LYS B 201 10.27 -30.03 12.39
N LEU B 202 10.73 -29.81 11.18
CA LEU B 202 10.51 -30.77 10.12
C LEU B 202 11.39 -32.00 10.20
N VAL B 203 12.57 -31.85 10.79
CA VAL B 203 13.47 -32.99 11.03
C VAL B 203 12.92 -33.96 12.11
N ALA B 204 12.47 -33.42 13.24
CA ALA B 204 11.96 -34.24 14.35
C ALA B 204 10.86 -35.22 13.90
N LEU B 205 9.98 -34.76 13.03
CA LEU B 205 8.89 -35.58 12.54
C LEU B 205 9.35 -36.57 11.45
N GLY B 206 10.66 -36.66 11.27
CA GLY B 206 11.23 -37.62 10.33
C GLY B 206 11.18 -37.13 8.90
N ILE B 207 11.21 -35.82 8.73
CA ILE B 207 11.18 -35.18 7.41
C ILE B 207 12.50 -34.47 7.07
N ASN B 208 13.06 -34.85 5.91
CA ASN B 208 14.31 -34.28 5.35
C ASN B 208 14.10 -32.82 4.90
N ALA B 209 14.37 -31.91 5.82
CA ALA B 209 14.07 -30.52 5.62
C ALA B 209 15.34 -29.72 5.47
N VAL B 210 15.40 -28.89 4.42
CA VAL B 210 16.57 -28.07 4.08
C VAL B 210 16.21 -26.57 3.97
N ALA B 211 16.76 -25.74 4.84
CA ALA B 211 16.44 -24.30 4.87
C ALA B 211 17.34 -23.45 3.96
N TYR B 212 16.73 -22.54 3.19
CA TYR B 212 17.48 -21.63 2.29
C TYR B 212 17.14 -20.14 2.44
N TYR B 213 18.16 -19.30 2.29
CA TYR B 213 18.09 -17.81 2.38
C TYR B 213 19.46 -17.19 2.05
N ARG B 214 19.51 -15.86 1.97
CA ARG B 214 20.71 -15.19 1.46
C ARG B 214 21.93 -15.65 2.23
N GLY B 215 23.04 -15.83 1.52
CA GLY B 215 24.30 -16.28 2.13
C GLY B 215 24.35 -17.75 2.55
N LEU B 216 23.59 -18.59 1.83
CA LEU B 216 23.79 -20.01 1.89
C LEU B 216 24.22 -20.48 0.50
N ASP B 217 25.19 -21.37 0.42
CA ASP B 217 25.60 -21.91 -0.87
C ASP B 217 24.43 -22.73 -1.38
N VAL B 218 24.13 -22.57 -2.67
CA VAL B 218 23.02 -23.24 -3.32
C VAL B 218 23.16 -24.77 -3.39
N SER B 219 24.37 -25.25 -3.15
CA SER B 219 24.59 -26.69 -3.14
C SER B 219 24.11 -27.37 -1.85
N VAL B 220 23.42 -26.62 -1.00
CA VAL B 220 22.80 -27.19 0.20
C VAL B 220 21.48 -27.89 -0.12
N ILE B 221 20.89 -27.53 -1.24
CA ILE B 221 19.62 -28.09 -1.65
C ILE B 221 19.85 -29.36 -2.46
N PRO B 222 19.39 -30.50 -1.94
CA PRO B 222 19.45 -31.74 -2.71
C PRO B 222 18.69 -31.64 -4.03
N THR B 223 19.29 -32.18 -5.08
CA THR B 223 18.78 -32.03 -6.44
C THR B 223 17.77 -33.11 -6.82
N SER B 224 17.80 -34.26 -6.15
CA SER B 224 16.96 -35.41 -6.57
C SER B 224 16.24 -36.21 -5.47
N GLY B 225 16.67 -36.07 -4.21
CA GLY B 225 16.07 -36.85 -3.12
C GLY B 225 14.62 -36.49 -2.81
N ASP B 226 14.10 -37.03 -1.72
CA ASP B 226 12.86 -36.49 -1.16
C ASP B 226 13.25 -35.40 -0.19
N VAL B 227 12.61 -34.23 -0.32
CA VAL B 227 13.01 -33.06 0.47
C VAL B 227 11.89 -32.07 0.71
N VAL B 228 12.02 -31.34 1.82
CA VAL B 228 11.23 -30.15 2.00
C VAL B 228 12.18 -28.98 2.15
N VAL B 229 12.18 -28.09 1.15
CA VAL B 229 13.02 -26.91 1.13
C VAL B 229 12.25 -25.73 1.68
N VAL B 230 12.66 -25.25 2.86
CA VAL B 230 12.11 -24.04 3.49
C VAL B 230 12.94 -22.82 3.08
N SER B 231 12.39 -21.91 2.25
CA SER B 231 13.19 -20.75 1.79
C SER B 231 12.55 -19.36 1.93
N THR B 232 13.35 -18.35 1.64
CA THR B 232 12.77 -17.05 1.40
C THR B 232 12.55 -16.96 -0.11
N ASP B 233 12.51 -15.73 -0.59
CA ASP B 233 12.56 -15.47 -2.02
C ASP B 233 13.99 -15.40 -2.52
N ALA B 234 14.96 -15.66 -1.63
CA ALA B 234 16.35 -15.76 -2.05
C ALA B 234 16.47 -16.75 -3.20
N LEU B 235 17.25 -16.33 -4.20
CA LEU B 235 17.35 -17.01 -5.49
C LEU B 235 18.21 -18.26 -5.41
N THR B 240 15.99 -25.64 -11.04
CA THR B 240 14.89 -26.37 -11.67
C THR B 240 13.78 -26.67 -10.68
N GLY B 241 14.20 -26.97 -9.45
CA GLY B 241 13.28 -27.30 -8.38
C GLY B 241 12.63 -28.65 -8.54
N ASP B 242 11.77 -28.77 -9.56
CA ASP B 242 10.84 -29.89 -9.70
C ASP B 242 10.12 -30.10 -8.36
N PHE B 243 9.33 -29.11 -7.92
CA PHE B 243 8.56 -29.26 -6.67
C PHE B 243 7.15 -29.75 -6.95
N ASP B 244 6.73 -30.75 -6.18
CA ASP B 244 5.39 -31.34 -6.31
C ASP B 244 4.33 -30.36 -5.75
N SER B 245 4.54 -29.90 -4.51
CA SER B 245 3.74 -28.82 -3.96
C SER B 245 4.61 -27.61 -3.64
N VAL B 246 4.02 -26.42 -3.78
CA VAL B 246 4.53 -25.23 -3.10
C VAL B 246 3.54 -24.80 -2.01
N ILE B 247 4.08 -24.53 -0.82
CA ILE B 247 3.31 -24.03 0.31
C ILE B 247 3.80 -22.62 0.56
N ASP B 248 2.85 -21.70 0.65
CA ASP B 248 3.15 -20.27 0.70
C ASP B 248 2.61 -19.69 2.02
N CYS B 249 3.41 -18.84 2.66
CA CYS B 249 2.94 -18.13 3.84
C CYS B 249 2.20 -16.86 3.44
N ASN B 250 2.37 -16.43 2.19
CA ASN B 250 1.66 -15.26 1.63
C ASN B 250 2.09 -13.88 2.12
N THR B 251 3.09 -13.84 3.00
CA THR B 251 3.70 -12.59 3.48
C THR B 251 5.09 -12.32 2.86
N CYS B 252 5.34 -11.05 2.47
CA CYS B 252 6.69 -10.60 2.03
C CYS B 252 7.26 -9.47 2.89
N VAL B 253 8.51 -9.64 3.28
CA VAL B 253 9.33 -8.62 3.92
C VAL B 253 9.66 -7.51 2.90
N THR B 254 9.22 -6.29 3.19
CA THR B 254 9.35 -5.14 2.28
C THR B 254 10.34 -4.14 2.84
N GLN B 255 11.05 -3.48 1.94
CA GLN B 255 11.92 -2.41 2.34
C GLN B 255 11.11 -1.14 2.52
N THR B 256 11.32 -0.44 3.64
CA THR B 256 10.56 0.77 3.88
C THR B 256 11.33 1.89 4.59
N VAL B 257 10.95 3.15 4.34
CA VAL B 257 11.59 4.31 4.99
C VAL B 257 10.74 4.93 6.11
N ASP B 258 11.34 5.13 7.28
CA ASP B 258 10.65 5.89 8.32
C ASP B 258 11.38 7.18 8.69
N PHE B 259 10.67 8.29 8.60
CA PHE B 259 11.20 9.57 8.99
C PHE B 259 11.10 9.70 10.51
N SER B 260 12.17 9.25 11.16
CA SER B 260 12.19 8.85 12.56
C SER B 260 12.96 9.85 13.40
N LEU B 261 13.43 10.92 12.77
CA LEU B 261 14.09 12.04 13.43
C LEU B 261 15.17 11.72 14.49
N ASP B 262 15.90 10.63 14.27
CA ASP B 262 16.89 10.16 15.24
C ASP B 262 18.22 9.75 14.61
N PRO B 263 18.88 10.67 13.88
CA PRO B 263 18.52 12.08 13.67
C PRO B 263 17.67 12.34 12.44
N THR B 264 17.70 11.43 11.47
CA THR B 264 17.20 11.76 10.13
C THR B 264 16.15 10.80 9.63
N PHE B 265 16.51 9.86 8.78
CA PHE B 265 15.53 8.85 8.40
C PHE B 265 16.08 7.49 8.79
N THR B 266 15.29 6.46 8.54
CA THR B 266 15.66 5.09 8.84
C THR B 266 15.13 4.22 7.73
N ILE B 267 16.00 3.39 7.17
CA ILE B 267 15.58 2.33 6.31
C ILE B 267 15.36 1.08 7.18
N GLU B 268 14.24 0.40 6.99
CA GLU B 268 13.90 -0.75 7.82
C GLU B 268 13.03 -1.76 7.07
N THR B 269 12.62 -2.80 7.78
CA THR B 269 11.85 -3.89 7.21
C THR B 269 10.38 -3.88 7.67
N THR B 270 9.48 -4.30 6.79
CA THR B 270 8.08 -4.52 7.15
C THR B 270 7.56 -5.76 6.41
N THR B 271 6.80 -6.58 7.13
CA THR B 271 6.21 -7.78 6.58
C THR B 271 4.83 -7.41 6.10
N LEU B 272 4.64 -7.44 4.78
CA LEU B 272 3.35 -7.14 4.17
C LEU B 272 2.73 -8.39 3.57
N PRO B 273 1.40 -8.41 3.40
CA PRO B 273 0.79 -9.47 2.61
C PRO B 273 1.25 -9.33 1.15
N GLN B 274 1.50 -10.46 0.49
CA GLN B 274 2.14 -10.40 -0.82
C GLN B 274 1.16 -9.90 -1.85
N ASP B 275 1.69 -9.35 -2.95
CA ASP B 275 0.92 -8.97 -4.12
C ASP B 275 0.90 -10.06 -5.19
N ALA B 276 0.11 -9.85 -6.22
CA ALA B 276 -0.04 -10.80 -7.31
C ALA B 276 1.26 -11.41 -7.86
N VAL B 277 2.23 -10.53 -8.21
CA VAL B 277 3.44 -10.96 -8.89
C VAL B 277 4.14 -11.90 -7.97
N SER B 278 4.11 -11.59 -6.69
CA SER B 278 4.71 -12.43 -5.65
C SER B 278 3.98 -13.78 -5.60
N ARG B 279 2.66 -13.74 -5.49
CA ARG B 279 1.87 -14.97 -5.48
C ARG B 279 2.16 -15.82 -6.72
N THR B 280 2.15 -15.22 -7.89
CA THR B 280 2.49 -15.90 -9.15
C THR B 280 3.93 -16.42 -9.17
N GLN B 281 4.89 -15.56 -8.89
CA GLN B 281 6.27 -16.02 -8.83
C GLN B 281 6.38 -17.24 -7.91
N ARG B 282 5.84 -17.12 -6.69
CA ARG B 282 5.90 -18.20 -5.70
C ARG B 282 5.13 -19.47 -6.11
N ARG B 283 3.95 -19.26 -6.67
CA ARG B 283 3.12 -20.38 -7.12
C ARG B 283 3.75 -21.12 -8.29
N GLY B 284 4.45 -20.38 -9.15
CA GLY B 284 5.06 -20.91 -10.36
C GLY B 284 6.19 -21.90 -10.18
N ARG B 285 6.60 -22.14 -8.93
CA ARG B 285 7.65 -23.12 -8.59
C ARG B 285 7.09 -24.54 -8.47
N THR B 286 5.85 -24.70 -8.93
CA THR B 286 5.25 -26.00 -9.10
C THR B 286 4.55 -25.97 -10.46
N GLY B 287 4.12 -27.12 -10.95
CA GLY B 287 3.41 -27.18 -12.23
C GLY B 287 4.29 -26.72 -13.39
N ARG B 288 5.57 -27.09 -13.31
CA ARG B 288 6.59 -26.78 -14.30
C ARG B 288 6.51 -27.85 -15.39
N GLY B 289 5.54 -27.68 -16.30
CA GLY B 289 5.02 -28.80 -17.05
C GLY B 289 4.09 -29.47 -16.05
N LYS B 290 4.35 -30.74 -15.75
CA LYS B 290 3.76 -31.52 -14.61
C LYS B 290 2.72 -30.87 -13.66
N PRO B 291 1.81 -31.69 -13.08
CA PRO B 291 0.67 -31.12 -12.35
C PRO B 291 1.00 -30.81 -10.88
N GLY B 292 0.98 -29.53 -10.52
CA GLY B 292 1.38 -29.13 -9.16
C GLY B 292 0.27 -28.73 -8.20
N ILE B 293 0.57 -28.76 -6.91
CA ILE B 293 -0.39 -28.35 -5.87
C ILE B 293 0.10 -27.12 -5.09
N TYR B 294 -0.66 -26.02 -5.15
CA TYR B 294 -0.41 -24.80 -4.35
C TYR B 294 -1.34 -24.66 -3.16
N ARG B 295 -0.73 -24.68 -1.97
CA ARG B 295 -1.43 -24.56 -0.72
C ARG B 295 -1.11 -23.20 -0.16
N PHE B 296 -2.13 -22.53 0.38
CA PHE B 296 -1.92 -21.21 0.97
C PHE B 296 -2.50 -21.00 2.39
N VAL B 297 -1.87 -20.03 3.06
CA VAL B 297 -2.22 -19.60 4.40
C VAL B 297 -3.26 -18.47 4.39
N ALA B 298 -3.25 -17.66 3.33
CA ALA B 298 -4.16 -16.52 3.19
C ALA B 298 -4.72 -16.42 1.77
N PRO B 299 -6.04 -16.27 1.62
CA PRO B 299 -6.70 -16.37 0.32
C PRO B 299 -6.52 -15.16 -0.59
N GLY B 300 -6.21 -13.99 0.00
CA GLY B 300 -6.18 -12.73 -0.71
C GLY B 300 -4.82 -12.04 -0.78
N GLU B 301 -4.76 -10.97 -1.58
CA GLU B 301 -3.47 -10.40 -1.93
C GLU B 301 -3.61 -8.91 -2.11
N ARG B 302 -2.52 -8.23 -1.78
CA ARG B 302 -2.33 -6.86 -2.17
C ARG B 302 -2.39 -6.74 -3.70
N PRO B 303 -3.32 -5.94 -4.21
CA PRO B 303 -3.16 -5.56 -5.59
C PRO B 303 -1.86 -4.78 -5.69
N SER B 304 -1.22 -4.86 -6.85
CA SER B 304 0.11 -4.27 -7.08
C SER B 304 -0.04 -2.84 -7.52
N GLY B 305 0.98 -2.04 -7.27
CA GLY B 305 1.02 -0.70 -7.83
C GLY B 305 1.17 0.41 -6.83
N MET B 306 1.83 0.13 -5.72
CA MET B 306 2.27 1.19 -4.85
C MET B 306 3.55 0.80 -4.19
N PHE B 307 4.54 1.64 -4.39
CA PHE B 307 5.83 1.35 -3.87
C PHE B 307 6.29 2.35 -2.85
N ASP B 308 7.11 1.87 -1.94
CA ASP B 308 7.56 2.69 -0.90
C ASP B 308 8.48 3.82 -1.37
N SER B 309 8.58 4.87 -0.57
CA SER B 309 9.44 6.00 -0.77
C SER B 309 10.89 5.55 -0.80
N SER B 310 11.16 4.41 -0.15
CA SER B 310 12.51 3.92 -0.06
C SER B 310 12.94 3.53 -1.47
N VAL B 311 12.01 3.09 -2.32
CA VAL B 311 12.33 2.84 -3.75
C VAL B 311 12.86 4.09 -4.44
N LEU B 312 12.22 5.27 -4.24
CA LEU B 312 12.80 6.58 -4.66
C LEU B 312 14.24 6.79 -4.17
N CYS B 313 14.46 6.61 -2.88
CA CYS B 313 15.79 6.61 -2.34
C CYS B 313 16.72 5.66 -3.11
N GLU B 314 16.28 4.45 -3.37
CA GLU B 314 17.04 3.57 -4.26
C GLU B 314 17.35 4.16 -5.66
N CYS B 315 16.38 4.85 -6.26
CA CYS B 315 16.56 5.47 -7.60
C CYS B 315 17.61 6.60 -7.64
N TYR B 316 17.64 7.41 -6.57
CA TYR B 316 18.67 8.42 -6.42
C TYR B 316 19.98 7.77 -6.15
N ASP B 317 20.02 6.85 -5.18
CA ASP B 317 21.21 6.04 -4.89
C ASP B 317 21.75 5.35 -6.16
N ALA B 318 20.89 4.78 -6.99
CA ALA B 318 21.37 4.08 -8.19
C ALA B 318 21.88 5.04 -9.28
N GLY B 319 21.14 6.15 -9.49
CA GLY B 319 21.64 7.26 -10.28
C GLY B 319 23.08 7.69 -9.95
N CYS B 320 23.37 7.89 -8.67
CA CYS B 320 24.72 8.23 -8.23
C CYS B 320 25.75 7.07 -8.24
N ALA B 321 25.32 5.86 -7.92
CA ALA B 321 26.29 4.77 -7.86
C ALA B 321 26.61 4.16 -9.23
N TRP B 322 25.63 4.02 -10.13
CA TRP B 322 25.80 3.28 -11.41
C TRP B 322 25.69 4.12 -12.71
N TYR B 323 24.74 5.02 -12.77
CA TYR B 323 24.35 5.57 -14.07
C TYR B 323 24.85 6.97 -14.34
N GLU B 324 25.76 7.49 -13.48
CA GLU B 324 26.31 8.84 -13.62
C GLU B 324 25.17 9.82 -13.88
N LEU B 325 24.20 9.83 -12.95
CA LEU B 325 23.13 10.80 -12.97
C LEU B 325 23.33 11.68 -11.80
N THR B 326 23.21 12.99 -12.01
CA THR B 326 23.21 13.92 -10.89
C THR B 326 21.81 13.87 -10.32
N PRO B 327 21.69 14.13 -9.00
CA PRO B 327 20.41 14.12 -8.35
C PRO B 327 19.32 14.90 -9.08
N ALA B 328 19.66 15.98 -9.75
CA ALA B 328 18.64 16.78 -10.47
C ALA B 328 18.19 16.13 -11.78
N GLU B 329 19.12 15.57 -12.54
CA GLU B 329 18.83 14.70 -13.67
C GLU B 329 17.89 13.55 -13.26
N THR B 330 18.20 12.85 -12.18
CA THR B 330 17.37 11.77 -11.72
C THR B 330 15.95 12.23 -11.39
N THR B 331 15.82 13.40 -10.80
CA THR B 331 14.50 14.01 -10.61
C THR B 331 13.70 14.08 -11.93
N VAL B 332 14.32 14.63 -12.98
CA VAL B 332 13.70 14.93 -14.30
C VAL B 332 13.11 13.66 -14.88
N ARG B 333 13.80 12.56 -14.64
CA ARG B 333 13.39 11.24 -15.11
C ARG B 333 12.31 10.58 -14.23
N LEU B 334 12.43 10.71 -12.91
CA LEU B 334 11.38 10.27 -11.96
C LEU B 334 10.07 11.05 -12.17
N ARG B 335 10.17 12.36 -12.34
CA ARG B 335 9.03 13.24 -12.65
C ARG B 335 8.24 12.83 -13.92
N ALA B 336 8.92 12.44 -14.97
CA ALA B 336 8.26 11.97 -16.21
C ALA B 336 7.42 10.70 -15.94
N TYR B 337 7.86 9.92 -14.96
CA TYR B 337 7.25 8.63 -14.66
C TYR B 337 6.03 8.89 -13.83
N MET B 338 6.16 9.85 -12.92
CA MET B 338 5.07 10.23 -12.04
C MET B 338 4.00 11.03 -12.77
N ASN B 339 4.37 11.73 -13.84
CA ASN B 339 3.41 12.38 -14.72
C ASN B 339 2.76 11.45 -15.76
N THR B 340 2.97 10.15 -15.62
CA THR B 340 2.40 9.16 -16.53
C THR B 340 1.41 8.22 -15.83
N PRO B 341 0.17 8.18 -16.37
CA PRO B 341 -0.93 7.39 -15.80
C PRO B 341 -0.77 5.93 -16.14
N GLY B 342 -1.21 5.06 -15.23
CA GLY B 342 -1.13 3.62 -15.44
C GLY B 342 0.11 2.94 -14.90
N LEU B 343 0.91 3.68 -14.12
CA LEU B 343 2.13 3.11 -13.57
C LEU B 343 1.96 3.04 -12.05
N PRO B 344 2.77 2.19 -11.38
CA PRO B 344 2.81 2.20 -9.93
C PRO B 344 3.14 3.60 -9.46
N VAL B 345 2.49 4.04 -8.38
CA VAL B 345 2.63 5.42 -7.90
C VAL B 345 3.31 5.44 -6.52
N CYS B 346 3.80 6.60 -6.09
CA CYS B 346 4.28 6.72 -4.74
C CYS B 346 4.17 8.14 -4.26
N GLN B 347 4.42 8.36 -2.97
CA GLN B 347 4.59 9.70 -2.39
C GLN B 347 5.62 10.52 -3.18
N ASP B 348 5.24 11.74 -3.53
CA ASP B 348 6.12 12.64 -4.26
C ASP B 348 7.25 13.18 -3.34
N HIS B 349 8.23 12.33 -3.03
CA HIS B 349 9.36 12.76 -2.20
C HIS B 349 10.62 13.15 -3.00
N LEU B 350 10.43 13.52 -4.25
CA LEU B 350 11.48 13.87 -5.17
C LEU B 350 12.38 14.98 -4.67
N GLU B 351 11.83 16.15 -4.41
CA GLU B 351 12.63 17.30 -3.94
C GLU B 351 13.39 16.95 -2.67
N PHE B 352 12.75 16.18 -1.80
CA PHE B 352 13.40 15.68 -0.61
C PHE B 352 14.68 14.91 -0.96
N TRP B 353 14.53 13.78 -1.67
CA TRP B 353 15.65 12.90 -1.96
C TRP B 353 16.70 13.51 -2.88
N GLU B 354 16.26 14.15 -3.97
CA GLU B 354 17.14 15.09 -4.63
C GLU B 354 17.95 15.84 -3.54
N GLY B 355 17.26 16.58 -2.68
CA GLY B 355 17.93 17.35 -1.64
C GLY B 355 19.01 16.60 -0.86
N VAL B 356 18.65 15.46 -0.27
CA VAL B 356 19.62 14.63 0.47
C VAL B 356 20.86 14.31 -0.37
N PHE B 357 20.66 13.58 -1.47
CA PHE B 357 21.80 13.21 -2.33
C PHE B 357 22.64 14.34 -2.90
N THR B 358 22.03 15.47 -3.29
CA THR B 358 22.79 16.65 -3.72
C THR B 358 23.87 17.04 -2.68
N GLY B 359 23.55 16.84 -1.39
CA GLY B 359 24.47 17.15 -0.30
C GLY B 359 25.56 16.13 0.01
N LEU B 360 25.48 14.96 -0.61
CA LEU B 360 26.45 13.92 -0.30
C LEU B 360 27.72 13.96 -1.18
N THR B 361 28.50 15.01 -1.01
CA THR B 361 29.64 15.28 -1.87
C THR B 361 30.93 14.68 -1.30
N HIS B 362 31.90 14.44 -2.18
CA HIS B 362 33.23 13.92 -1.78
C HIS B 362 33.23 12.54 -1.18
N ILE B 363 32.51 11.63 -1.80
CA ILE B 363 32.48 10.26 -1.38
C ILE B 363 33.80 9.59 -1.72
N ASP B 364 34.26 8.73 -0.83
CA ASP B 364 35.43 7.91 -1.11
C ASP B 364 35.03 6.92 -2.22
N ALA B 365 35.74 7.00 -3.35
CA ALA B 365 35.40 6.24 -4.53
C ALA B 365 35.77 4.80 -4.30
N HIS B 366 36.66 4.56 -3.34
CA HIS B 366 37.10 3.21 -3.07
C HIS B 366 36.01 2.45 -2.26
N PHE B 367 35.60 2.98 -1.11
CA PHE B 367 34.38 2.45 -0.45
C PHE B 367 33.16 2.19 -1.38
N LEU B 368 32.91 3.10 -2.34
CA LEU B 368 31.79 2.97 -3.30
C LEU B 368 32.02 1.91 -4.34
N SER B 369 33.29 1.69 -4.65
CA SER B 369 33.67 0.63 -5.54
C SER B 369 33.33 -0.70 -4.86
N GLN B 370 33.65 -0.81 -3.56
CA GLN B 370 33.40 -2.03 -2.78
C GLN B 370 31.91 -2.30 -2.61
N THR B 371 31.15 -1.35 -2.04
CA THR B 371 29.73 -1.58 -1.76
C THR B 371 28.91 -1.89 -3.00
N LYS B 372 29.33 -1.33 -4.13
CA LYS B 372 28.77 -1.65 -5.43
C LYS B 372 29.10 -3.08 -5.85
N GLN B 373 30.38 -3.47 -5.77
CA GLN B 373 30.77 -4.83 -6.14
C GLN B 373 30.11 -5.83 -5.20
N SER B 374 29.86 -5.36 -3.99
CA SER B 374 29.40 -6.14 -2.84
C SER B 374 27.92 -6.51 -2.92
N GLY B 375 27.15 -5.83 -3.78
CA GLY B 375 25.72 -6.15 -3.94
C GLY B 375 24.83 -5.63 -2.83
N GLU B 376 25.38 -4.78 -1.98
CA GLU B 376 24.61 -4.05 -0.96
C GLU B 376 23.34 -3.38 -1.52
N ASN B 377 22.31 -3.31 -0.70
CA ASN B 377 21.25 -2.34 -0.91
C ASN B 377 21.85 -0.95 -0.58
N PHE B 378 21.43 0.06 -1.32
CA PHE B 378 21.94 1.40 -1.06
C PHE B 378 23.47 1.54 -1.01
N PRO B 379 24.18 1.06 -2.08
CA PRO B 379 25.63 1.11 -2.01
C PRO B 379 26.12 2.55 -1.81
N TYR B 380 25.48 3.52 -2.46
CA TYR B 380 25.90 4.89 -2.29
C TYR B 380 25.75 5.38 -0.83
N LEU B 381 24.63 5.09 -0.20
CA LEU B 381 24.43 5.58 1.18
C LEU B 381 25.38 4.95 2.20
N VAL B 382 25.62 3.65 2.01
CA VAL B 382 26.48 2.87 2.88
C VAL B 382 27.91 3.40 2.72
N ALA B 383 28.34 3.56 1.47
CA ALA B 383 29.73 3.98 1.22
C ALA B 383 29.93 5.43 1.68
N TYR B 384 28.82 6.18 1.72
CA TYR B 384 28.91 7.56 2.16
C TYR B 384 29.07 7.66 3.67
N GLN B 385 28.27 6.92 4.43
CA GLN B 385 28.48 6.81 5.87
C GLN B 385 29.86 6.22 6.25
N ALA B 386 30.34 5.27 5.45
CA ALA B 386 31.70 4.80 5.64
C ALA B 386 32.75 5.90 5.40
N THR B 387 32.53 6.74 4.39
CA THR B 387 33.44 7.85 4.20
C THR B 387 33.46 8.72 5.44
N VAL B 388 32.29 9.25 5.77
CA VAL B 388 32.20 10.06 6.97
C VAL B 388 32.99 9.41 8.10
N CYS B 389 32.78 8.11 8.32
CA CYS B 389 33.36 7.38 9.46
C CYS B 389 34.87 7.37 9.42
N ALA B 390 35.42 7.00 8.26
CA ALA B 390 36.86 6.92 8.07
C ALA B 390 37.51 8.25 8.31
N ARG B 391 36.93 9.29 7.71
CA ARG B 391 37.42 10.68 7.82
C ARG B 391 37.30 11.26 9.23
N ALA B 392 36.37 10.74 10.04
CA ALA B 392 36.31 11.10 11.47
C ALA B 392 37.20 10.15 12.30
N GLN B 393 37.67 9.08 11.67
CA GLN B 393 38.36 8.00 12.38
C GLN B 393 37.44 7.33 13.38
N ALA B 394 36.16 7.30 13.03
CA ALA B 394 35.16 6.68 13.87
C ALA B 394 34.77 5.32 13.29
N PRO B 395 34.26 4.43 14.15
CA PRO B 395 33.76 3.16 13.65
C PRO B 395 32.39 3.32 13.01
N PRO B 396 31.97 2.37 12.14
CA PRO B 396 30.62 2.33 11.57
C PRO B 396 29.57 2.14 12.66
N PRO B 397 28.26 2.31 12.35
CA PRO B 397 27.30 2.09 13.43
C PRO B 397 27.38 0.70 14.06
N SER B 398 27.72 -0.31 13.27
CA SER B 398 28.00 -1.67 13.81
C SER B 398 29.00 -2.39 12.94
N TRP B 399 29.43 -3.57 13.37
CA TRP B 399 30.30 -4.44 12.54
C TRP B 399 29.57 -5.53 11.70
N ASP B 400 28.27 -5.41 11.59
CA ASP B 400 27.51 -6.32 10.73
C ASP B 400 28.07 -6.24 9.31
N GLN B 401 27.76 -7.24 8.47
CA GLN B 401 28.43 -7.38 7.16
C GLN B 401 28.26 -6.17 6.22
N MET B 402 27.14 -5.48 6.32
CA MET B 402 26.98 -4.24 5.59
C MET B 402 28.19 -3.24 5.67
N TRP B 403 29.02 -3.33 6.73
CA TRP B 403 30.10 -2.35 6.96
C TRP B 403 31.50 -2.91 6.74
N LYS B 404 31.65 -3.70 5.69
CA LYS B 404 32.89 -4.44 5.48
C LYS B 404 33.99 -3.56 4.97
N CYS B 405 33.64 -2.63 4.08
CA CYS B 405 34.63 -1.75 3.46
C CYS B 405 35.51 -1.08 4.51
N LEU B 406 35.11 -1.26 5.76
CA LEU B 406 35.80 -0.66 6.91
C LEU B 406 36.58 -1.61 7.81
N ILE B 407 36.48 -2.92 7.59
CA ILE B 407 37.26 -3.86 8.39
C ILE B 407 38.74 -3.51 8.30
N ARG B 408 39.23 -3.26 7.08
CA ARG B 408 40.65 -2.94 6.89
C ARG B 408 41.06 -1.80 7.85
N LEU B 409 40.20 -0.79 8.03
CA LEU B 409 40.54 0.32 8.93
C LEU B 409 40.22 0.14 10.42
N LYS B 410 39.53 -0.95 10.76
CA LYS B 410 38.97 -1.17 12.10
C LYS B 410 39.89 -0.77 13.25
N PRO B 411 41.16 -1.21 13.21
CA PRO B 411 42.05 -0.97 14.34
C PRO B 411 42.42 0.50 14.52
N THR B 412 42.26 1.31 13.47
CA THR B 412 42.55 2.75 13.55
C THR B 412 41.33 3.62 13.93
N LEU B 413 40.21 2.99 14.28
CA LEU B 413 38.91 3.69 14.44
C LEU B 413 38.40 3.62 15.87
N HIS B 414 37.87 4.73 16.37
CA HIS B 414 37.60 4.84 17.79
C HIS B 414 36.48 5.81 18.11
N GLY B 415 35.84 5.56 19.26
CA GLY B 415 34.76 6.41 19.79
C GLY B 415 33.46 6.29 18.99
N PRO B 416 32.61 7.35 19.02
CA PRO B 416 31.25 7.26 18.50
C PRO B 416 31.12 7.50 16.98
N THR B 417 30.12 6.89 16.38
CA THR B 417 29.76 7.12 14.99
C THR B 417 29.08 8.48 14.72
N PRO B 418 29.58 9.25 13.72
CA PRO B 418 28.82 10.39 13.24
C PRO B 418 27.70 9.84 12.39
N LEU B 419 26.52 9.70 12.99
CA LEU B 419 25.45 8.95 12.37
C LEU B 419 24.74 9.84 11.39
N LEU B 420 24.68 9.39 10.13
CA LEU B 420 24.00 10.14 9.08
C LEU B 420 22.54 9.77 9.00
N TYR B 421 22.28 8.48 9.17
CA TYR B 421 20.98 7.88 8.96
C TYR B 421 21.06 6.46 9.48
N ARG B 422 19.98 5.70 9.37
CA ARG B 422 19.95 4.37 9.94
C ARG B 422 19.67 3.35 8.87
N LEU B 423 20.67 2.53 8.53
CA LEU B 423 20.51 1.54 7.48
C LEU B 423 20.29 0.14 8.04
N GLY B 424 20.28 0.03 9.36
CA GLY B 424 20.18 -1.24 10.04
C GLY B 424 20.57 -1.00 11.48
N ALA B 425 20.59 -2.09 12.27
CA ALA B 425 20.79 -2.02 13.73
C ALA B 425 22.06 -1.28 14.14
N VAL B 426 22.02 -0.60 15.28
CA VAL B 426 23.06 0.35 15.64
C VAL B 426 23.70 0.01 16.98
N GLN B 427 24.88 -0.60 16.94
CA GLN B 427 25.53 -1.08 18.17
C GLN B 427 26.45 -0.05 18.86
N ASN B 428 26.99 0.90 18.10
CA ASN B 428 27.98 1.86 18.63
C ASN B 428 27.31 3.11 19.17
N GLU B 429 27.90 3.71 20.22
CA GLU B 429 27.45 4.99 20.75
C GLU B 429 27.44 5.96 19.58
N VAL B 430 26.47 6.88 19.55
CA VAL B 430 26.32 7.72 18.38
C VAL B 430 26.61 9.18 18.67
N THR B 431 27.02 9.90 17.63
CA THR B 431 27.07 11.36 17.68
C THR B 431 26.18 11.94 16.57
N LEU B 432 25.61 13.12 16.83
CA LEU B 432 24.61 13.69 15.94
C LEU B 432 25.04 15.04 15.32
N THR B 433 26.18 15.56 15.76
CA THR B 433 26.62 16.93 15.40
C THR B 433 27.34 17.06 14.06
N HIS B 434 27.56 15.96 13.38
CA HIS B 434 28.29 16.00 12.10
C HIS B 434 27.51 16.81 11.07
N PRO B 435 28.19 17.76 10.39
CA PRO B 435 27.46 18.68 9.52
C PRO B 435 26.59 17.98 8.47
N ILE B 436 27.05 16.82 7.97
CA ILE B 436 26.26 16.11 6.96
C ILE B 436 24.89 15.72 7.53
N THR B 437 24.87 15.31 8.79
CA THR B 437 23.66 14.99 9.51
C THR B 437 22.77 16.21 9.74
N LYS B 438 23.39 17.36 10.04
CA LYS B 438 22.66 18.64 10.20
C LYS B 438 22.04 19.08 8.89
N TYR B 439 22.76 18.85 7.79
CA TYR B 439 22.20 19.13 6.48
C TYR B 439 20.96 18.24 6.26
N ILE B 440 21.12 16.91 6.35
CA ILE B 440 19.96 16.06 6.11
C ILE B 440 18.79 16.48 6.99
N MET B 441 19.06 16.71 8.28
CA MET B 441 18.07 17.31 9.17
C MET B 441 17.29 18.48 8.56
N THR B 442 17.99 19.43 7.92
CA THR B 442 17.34 20.62 7.40
C THR B 442 16.52 20.27 6.18
N CYS B 443 17.08 19.42 5.33
CA CYS B 443 16.37 18.80 4.21
C CYS B 443 14.97 18.30 4.56
N MET B 444 14.82 17.76 5.78
CA MET B 444 13.59 17.11 6.25
C MET B 444 12.48 18.12 6.64
N SER B 445 12.87 19.24 7.24
CA SER B 445 11.96 20.35 7.49
C SER B 445 12.15 21.52 6.50
N ALA B 446 12.80 21.23 5.37
CA ALA B 446 12.89 22.18 4.26
C ALA B 446 12.01 21.72 3.12
N ASP B 447 12.14 20.44 2.76
CA ASP B 447 11.47 19.89 1.59
C ASP B 447 10.30 18.99 1.93
N LEU B 448 10.19 18.58 3.19
CA LEU B 448 9.10 17.72 3.66
C LEU B 448 8.23 18.39 4.74
N GLU B 449 7.05 17.83 5.00
CA GLU B 449 6.11 18.33 6.03
C GLU B 449 5.98 17.39 7.23
N VAL B 450 4.75 17.28 7.75
CA VAL B 450 4.42 16.61 9.02
C VAL B 450 5.03 17.34 10.23
#